data_6JW6
#
_entry.id   6JW6
#
_cell.length_a   119.469
_cell.length_b   119.469
_cell.length_c   131.435
_cell.angle_alpha   90.000
_cell.angle_beta   90.000
_cell.angle_gamma   120.000
#
_symmetry.space_group_name_H-M   'P 31 2 1'
#
loop_
_entity.id
_entity.type
_entity.pdbx_description
1 polymer Dehydrogenase
2 non-polymer NICOTINAMIDE-ADENINE-DINUCLEOTIDE
3 water water
#
_entity_poly.entity_id   1
_entity_poly.type   'polypeptide(L)'
_entity_poly.pdbx_seq_one_letter_code
;MSAPVRVGVVGAGFMGGVHAEVVAAHPGARLEAVHDLDPAAARDLAERFRAERAEPSWADLLADPAIDLLIITTPNGLHH
RQAAEALRAGKHVLVEKPLGVTPEQVAELVELAGRHDRVLAHGSNFVHSPKFVRARQLVADTEAFGRPHLVRVVFRNSGP
EAAWAASKDLAGGGALLDLGCHAVELCRWLLDGADVESVSARLQRVRPPHDAEADRASGTAGTARVALEDQALLVMEFAD
GAVGQCDVSWVTQGGEQVTAEIIGTKGRVEVDLWTGMGLRAYSDKGYQDVWDPEQGWVHPEWEWIRASGYYHQDGTVIEA
VGQGIPLTHGPAEALASARVLATGYRSHAEGRVLRLSGAPVGPGASTTAAGSEKLAAALEHHHHHH
;
_entity_poly.pdbx_strand_id   A,B
#
# COMPACT_ATOMS: atom_id res chain seq x y z
N PRO A 4 11.43 -23.35 3.60
CA PRO A 4 10.42 -22.82 2.63
C PRO A 4 9.04 -23.50 2.78
N VAL A 5 8.01 -22.72 3.09
CA VAL A 5 6.68 -23.28 3.45
C VAL A 5 5.90 -23.72 2.20
N ARG A 6 5.60 -25.00 2.12
CA ARG A 6 5.14 -25.54 0.84
C ARG A 6 3.64 -25.57 0.88
N VAL A 7 3.03 -24.85 -0.06
CA VAL A 7 1.61 -24.52 0.01
C VAL A 7 0.74 -25.16 -1.09
N GLY A 8 -0.45 -25.58 -0.73
CA GLY A 8 -1.40 -26.07 -1.71
C GLY A 8 -2.69 -25.26 -1.61
N VAL A 9 -3.21 -24.84 -2.77
CA VAL A 9 -4.39 -23.99 -2.81
C VAL A 9 -5.59 -24.80 -3.27
N VAL A 10 -6.54 -24.93 -2.35
CA VAL A 10 -7.69 -25.73 -2.58
C VAL A 10 -8.80 -24.81 -3.03
N GLY A 11 -9.24 -25.02 -4.27
CA GLY A 11 -10.28 -24.16 -4.89
C GLY A 11 -9.67 -23.04 -5.69
N ALA A 12 -9.87 -23.08 -6.99
CA ALA A 12 -9.13 -22.21 -7.91
C ALA A 12 -10.06 -21.20 -8.53
N GLY A 13 -10.96 -20.64 -7.73
CA GLY A 13 -11.75 -19.55 -8.22
C GLY A 13 -11.12 -18.23 -7.87
N PHE A 14 -11.98 -17.26 -7.58
CA PHE A 14 -11.52 -15.93 -7.37
C PHE A 14 -10.48 -15.85 -6.24
N MET A 15 -10.82 -16.35 -5.06
CA MET A 15 -9.94 -16.20 -3.91
C MET A 15 -8.76 -17.15 -3.96
N GLY A 16 -8.90 -18.33 -4.57
CA GLY A 16 -7.74 -19.16 -4.85
C GLY A 16 -6.68 -18.38 -5.59
N GLY A 17 -7.12 -17.57 -6.56
CA GLY A 17 -6.24 -16.72 -7.32
C GLY A 17 -5.58 -15.65 -6.49
N VAL A 18 -6.34 -14.99 -5.62
CA VAL A 18 -5.77 -13.97 -4.77
C VAL A 18 -4.66 -14.63 -3.90
N HIS A 19 -4.99 -15.69 -3.20
CA HIS A 19 -4.01 -16.37 -2.38
C HIS A 19 -2.82 -16.92 -3.18
N ALA A 20 -3.08 -17.58 -4.32
CA ALA A 20 -1.99 -17.99 -5.21
C ALA A 20 -0.98 -16.85 -5.50
N GLU A 21 -1.47 -15.69 -5.89
CA GLU A 21 -0.60 -14.51 -6.08
C GLU A 21 0.29 -14.18 -4.86
N VAL A 22 -0.30 -14.16 -3.68
CA VAL A 22 0.39 -13.72 -2.51
C VAL A 22 1.50 -14.70 -2.13
N VAL A 23 1.19 -15.98 -2.35
CA VAL A 23 2.08 -17.06 -1.99
C VAL A 23 3.27 -17.08 -2.94
N ALA A 24 2.96 -17.06 -4.23
CA ALA A 24 3.95 -16.90 -5.30
C ALA A 24 4.94 -15.76 -5.10
N ALA A 25 4.52 -14.74 -4.36
CA ALA A 25 5.38 -13.57 -4.11
C ALA A 25 6.13 -13.67 -2.78
N HIS A 26 5.81 -14.64 -1.96
CA HIS A 26 6.36 -14.64 -0.62
C HIS A 26 7.65 -15.45 -0.63
N PRO A 27 8.77 -14.78 -0.32
CA PRO A 27 10.08 -15.42 -0.43
C PRO A 27 10.22 -16.64 0.48
N GLY A 28 9.53 -16.63 1.63
CA GLY A 28 9.51 -17.75 2.55
C GLY A 28 8.52 -18.87 2.25
N ALA A 29 7.93 -18.87 1.06
CA ALA A 29 6.99 -19.95 0.72
C ALA A 29 7.07 -20.31 -0.74
N ARG A 30 6.52 -21.48 -1.07
CA ARG A 30 6.46 -21.97 -2.43
C ARG A 30 5.05 -22.44 -2.70
N LEU A 31 4.52 -22.07 -3.87
CA LEU A 31 3.21 -22.56 -4.34
C LEU A 31 3.35 -23.97 -4.97
N GLU A 32 3.08 -25.00 -4.19
CA GLU A 32 3.34 -26.36 -4.61
C GLU A 32 2.21 -26.96 -5.47
N ALA A 33 0.97 -26.74 -5.06
CA ALA A 33 -0.16 -27.42 -5.72
C ALA A 33 -1.41 -26.58 -5.82
N VAL A 34 -2.14 -26.77 -6.89
CA VAL A 34 -3.46 -26.18 -7.01
C VAL A 34 -4.48 -27.28 -7.26
N HIS A 35 -5.48 -27.35 -6.41
CA HIS A 35 -6.53 -28.35 -6.56
C HIS A 35 -7.89 -27.72 -6.77
N ASP A 36 -8.71 -28.34 -7.60
CA ASP A 36 -10.10 -27.87 -7.83
C ASP A 36 -10.86 -29.03 -8.46
N LEU A 37 -12.07 -29.28 -8.00
CA LEU A 37 -12.92 -30.27 -8.66
C LEU A 37 -12.90 -30.09 -10.14
N ASP A 38 -12.85 -28.87 -10.61
CA ASP A 38 -12.64 -28.59 -12.03
C ASP A 38 -11.13 -28.53 -12.33
N PRO A 39 -10.59 -29.55 -13.00
CA PRO A 39 -9.14 -29.61 -13.09
C PRO A 39 -8.52 -28.59 -14.07
N ALA A 40 -9.32 -28.10 -15.02
CA ALA A 40 -8.88 -27.08 -15.98
C ALA A 40 -8.72 -25.75 -15.30
N ALA A 41 -9.55 -25.50 -14.29
CA ALA A 41 -9.42 -24.26 -13.57
C ALA A 41 -8.19 -24.31 -12.71
N ALA A 42 -7.87 -25.50 -12.19
CA ALA A 42 -6.67 -25.69 -11.39
C ALA A 42 -5.40 -25.57 -12.27
N ARG A 43 -5.39 -26.23 -13.43
CA ARG A 43 -4.28 -26.13 -14.40
C ARG A 43 -4.03 -24.68 -14.70
N ASP A 44 -5.08 -23.97 -15.09
CA ASP A 44 -4.93 -22.56 -15.46
C ASP A 44 -4.23 -21.72 -14.40
N LEU A 45 -4.52 -21.97 -13.14
CA LEU A 45 -3.96 -21.17 -12.08
C LEU A 45 -2.54 -21.60 -11.73
N ALA A 46 -2.29 -22.91 -11.74
CA ALA A 46 -0.95 -23.39 -11.54
C ALA A 46 -0.02 -22.69 -12.52
N GLU A 47 -0.51 -22.49 -13.73
CA GLU A 47 0.25 -21.83 -14.77
C GLU A 47 0.39 -20.32 -14.54
N ARG A 48 -0.68 -19.60 -14.23
CA ARG A 48 -0.54 -18.16 -14.03
C ARG A 48 0.59 -17.85 -13.05
N PHE A 49 0.71 -18.71 -12.03
CA PHE A 49 1.52 -18.37 -10.90
C PHE A 49 2.67 -19.34 -10.65
N ARG A 50 2.92 -20.22 -11.63
CA ARG A 50 4.09 -21.12 -11.64
C ARG A 50 4.10 -22.05 -10.46
N ALA A 51 2.96 -22.67 -10.20
CA ALA A 51 2.88 -23.65 -9.15
C ALA A 51 3.64 -24.88 -9.60
N GLU A 52 4.22 -25.62 -8.67
CA GLU A 52 4.86 -26.90 -8.99
C GLU A 52 3.95 -27.83 -9.80
N ARG A 53 2.71 -28.00 -9.38
CA ARG A 53 1.81 -28.87 -10.15
C ARG A 53 0.36 -28.54 -9.91
N ALA A 54 -0.48 -29.09 -10.78
CA ALA A 54 -1.91 -29.14 -10.57
C ALA A 54 -2.22 -30.53 -10.05
N GLU A 55 -2.89 -30.60 -8.91
CA GLU A 55 -3.32 -31.88 -8.30
C GLU A 55 -4.82 -32.12 -8.49
N PRO A 56 -5.17 -33.07 -9.35
CA PRO A 56 -6.59 -33.32 -9.60
C PRO A 56 -7.24 -34.09 -8.47
N SER A 57 -6.45 -34.69 -7.58
CA SER A 57 -6.99 -35.58 -6.54
C SER A 57 -6.78 -35.09 -5.09
N TRP A 58 -7.89 -35.07 -4.37
CA TRP A 58 -7.95 -34.55 -3.01
C TRP A 58 -7.22 -35.50 -2.06
N ALA A 59 -7.52 -36.78 -2.17
CA ALA A 59 -6.83 -37.78 -1.35
C ALA A 59 -5.32 -37.65 -1.55
N ASP A 60 -4.91 -37.56 -2.81
CA ASP A 60 -3.49 -37.52 -3.12
C ASP A 60 -2.88 -36.25 -2.57
N LEU A 61 -3.61 -35.14 -2.69
CA LEU A 61 -3.15 -33.90 -2.11
C LEU A 61 -2.87 -34.04 -0.61
N LEU A 62 -3.85 -34.57 0.13
CA LEU A 62 -3.73 -34.70 1.59
C LEU A 62 -2.57 -35.63 1.96
N ALA A 63 -2.38 -36.69 1.19
CA ALA A 63 -1.35 -37.69 1.45
C ALA A 63 0.08 -37.18 1.21
N ASP A 64 0.24 -36.27 0.25
CA ASP A 64 1.54 -35.70 -0.06
C ASP A 64 2.24 -35.16 1.20
N PRO A 65 3.41 -35.74 1.59
CA PRO A 65 4.15 -35.18 2.73
C PRO A 65 4.88 -33.88 2.40
N ALA A 66 5.04 -33.54 1.11
CA ALA A 66 5.64 -32.27 0.71
C ALA A 66 4.81 -31.04 1.14
N ILE A 67 3.48 -31.12 1.06
CA ILE A 67 2.63 -29.98 1.42
C ILE A 67 2.60 -29.74 2.92
N ASP A 68 3.00 -28.53 3.33
CA ASP A 68 2.92 -28.08 4.74
C ASP A 68 1.59 -27.40 5.09
N LEU A 69 1.05 -26.62 4.14
CA LEU A 69 -0.10 -25.76 4.39
C LEU A 69 -1.11 -25.76 3.25
N LEU A 70 -2.38 -25.95 3.61
CA LEU A 70 -3.44 -25.78 2.62
C LEU A 70 -4.19 -24.49 2.85
N ILE A 71 -4.53 -23.84 1.73
CA ILE A 71 -5.40 -22.69 1.78
C ILE A 71 -6.73 -23.05 1.12
N ILE A 72 -7.80 -22.96 1.88
CA ILE A 72 -9.05 -23.48 1.43
C ILE A 72 -9.94 -22.34 0.97
N THR A 73 -10.22 -22.30 -0.33
CA THR A 73 -10.99 -21.22 -0.92
C THR A 73 -12.14 -21.78 -1.71
N THR A 74 -12.83 -22.70 -1.07
CA THR A 74 -13.95 -23.36 -1.68
C THR A 74 -15.20 -22.69 -1.13
N PRO A 75 -16.38 -23.12 -1.58
CA PRO A 75 -17.61 -22.52 -1.06
C PRO A 75 -17.82 -22.84 0.42
N ASN A 76 -18.55 -22.00 1.13
CA ASN A 76 -18.56 -22.06 2.57
C ASN A 76 -19.01 -23.41 3.10
N GLY A 77 -20.07 -23.96 2.50
CA GLY A 77 -20.57 -25.29 2.86
C GLY A 77 -19.53 -26.39 3.00
N LEU A 78 -18.43 -26.27 2.25
CA LEU A 78 -17.32 -27.24 2.18
C LEU A 78 -16.19 -26.99 3.17
N HIS A 79 -16.17 -25.83 3.79
CA HIS A 79 -15.05 -25.49 4.68
C HIS A 79 -14.88 -26.49 5.84
N HIS A 80 -15.95 -26.70 6.58
CA HIS A 80 -15.92 -27.61 7.70
C HIS A 80 -15.30 -28.98 7.34
N ARG A 81 -15.89 -29.66 6.35
CA ARG A 81 -15.45 -31.01 5.99
C ARG A 81 -13.97 -31.06 5.53
N GLN A 82 -13.57 -30.10 4.68
CA GLN A 82 -12.22 -30.10 4.11
C GLN A 82 -11.16 -29.64 5.07
N ALA A 83 -11.49 -28.71 5.94
CA ALA A 83 -10.54 -28.28 6.94
C ALA A 83 -10.29 -29.44 7.91
N ALA A 84 -11.38 -30.13 8.28
CA ALA A 84 -11.29 -31.33 9.15
C ALA A 84 -10.44 -32.42 8.53
N GLU A 85 -10.76 -32.78 7.29
CA GLU A 85 -10.01 -33.80 6.60
C GLU A 85 -8.54 -33.38 6.53
N ALA A 86 -8.29 -32.14 6.19
CA ALA A 86 -6.92 -31.66 5.99
C ALA A 86 -6.09 -31.66 7.28
N LEU A 87 -6.72 -31.28 8.40
CA LEU A 87 -6.07 -31.32 9.69
C LEU A 87 -5.77 -32.77 10.08
N ARG A 88 -6.73 -33.66 9.85
CA ARG A 88 -6.56 -35.05 10.20
C ARG A 88 -5.39 -35.66 9.45
N ALA A 89 -5.20 -35.24 8.21
CA ALA A 89 -4.03 -35.62 7.41
C ALA A 89 -2.73 -34.93 7.85
N GLY A 90 -2.76 -34.19 8.95
CA GLY A 90 -1.55 -33.46 9.42
C GLY A 90 -1.11 -32.17 8.72
N LYS A 91 -1.98 -31.59 7.90
CA LYS A 91 -1.68 -30.35 7.18
C LYS A 91 -2.19 -29.14 7.95
N HIS A 92 -1.38 -28.08 8.00
CA HIS A 92 -1.83 -26.78 8.51
C HIS A 92 -2.86 -26.15 7.54
N VAL A 93 -3.77 -25.36 8.07
CA VAL A 93 -4.89 -24.87 7.26
C VAL A 93 -5.21 -23.40 7.48
N LEU A 94 -5.31 -22.69 6.37
CA LEU A 94 -5.95 -21.38 6.36
C LEU A 94 -7.26 -21.55 5.60
N VAL A 95 -8.38 -21.30 6.27
CA VAL A 95 -9.67 -21.41 5.64
C VAL A 95 -10.25 -19.99 5.35
N GLU A 96 -10.73 -19.75 4.12
CA GLU A 96 -11.36 -18.47 3.82
C GLU A 96 -12.62 -18.35 4.68
N LYS A 97 -12.97 -17.13 5.08
CA LYS A 97 -14.15 -16.95 5.93
C LYS A 97 -15.35 -17.21 5.07
N PRO A 98 -16.45 -17.64 5.68
CA PRO A 98 -16.55 -17.98 7.09
C PRO A 98 -15.83 -19.27 7.36
N LEU A 99 -15.00 -19.30 8.40
CA LEU A 99 -14.29 -20.55 8.77
C LEU A 99 -15.27 -21.74 8.90
N GLY A 100 -16.42 -21.48 9.52
CA GLY A 100 -17.47 -22.46 9.63
C GLY A 100 -18.80 -21.77 9.43
N VAL A 101 -19.78 -22.56 9.07
CA VAL A 101 -21.10 -22.08 8.76
C VAL A 101 -21.95 -22.01 10.06
N THR A 102 -21.42 -22.52 11.18
CA THR A 102 -22.05 -22.45 12.51
C THR A 102 -20.97 -22.53 13.57
N PRO A 103 -21.27 -22.09 14.80
CA PRO A 103 -20.27 -22.15 15.88
C PRO A 103 -19.78 -23.58 16.24
N GLU A 104 -20.63 -24.60 16.11
CA GLU A 104 -20.18 -25.97 16.47
C GLU A 104 -19.20 -26.45 15.42
N GLN A 105 -19.50 -26.13 14.16
CA GLN A 105 -18.51 -26.35 13.10
C GLN A 105 -17.14 -25.72 13.39
N VAL A 106 -17.14 -24.48 13.88
CA VAL A 106 -15.90 -23.78 14.18
C VAL A 106 -15.23 -24.40 15.37
N ALA A 107 -16.03 -24.64 16.40
CA ALA A 107 -15.52 -25.20 17.63
C ALA A 107 -14.83 -26.51 17.34
N GLU A 108 -15.47 -27.31 16.49
CA GLU A 108 -14.96 -28.64 16.22
C GLU A 108 -13.60 -28.55 15.52
N LEU A 109 -13.45 -27.56 14.64
CA LEU A 109 -12.21 -27.38 13.92
C LEU A 109 -11.07 -26.93 14.82
N VAL A 110 -11.38 -26.03 15.75
CA VAL A 110 -10.36 -25.52 16.67
C VAL A 110 -9.86 -26.64 17.54
N GLU A 111 -10.83 -27.40 18.06
CA GLU A 111 -10.53 -28.56 18.89
C GLU A 111 -9.59 -29.46 18.10
N LEU A 112 -9.96 -29.73 16.85
CA LEU A 112 -9.23 -30.66 15.97
C LEU A 112 -7.79 -30.25 15.71
N ALA A 113 -7.59 -28.97 15.46
CA ALA A 113 -6.25 -28.46 15.17
C ALA A 113 -5.34 -28.65 16.36
N GLY A 114 -5.90 -28.51 17.57
CA GLY A 114 -5.12 -28.69 18.80
C GLY A 114 -4.73 -30.14 18.97
N ARG A 115 -5.69 -31.04 18.77
CA ARG A 115 -5.42 -32.46 18.78
C ARG A 115 -4.21 -32.79 17.91
N HIS A 116 -4.18 -32.27 16.69
CA HIS A 116 -3.11 -32.55 15.73
C HIS A 116 -1.95 -31.55 15.74
N ASP A 117 -1.94 -30.69 16.76
CA ASP A 117 -0.85 -29.74 16.96
C ASP A 117 -0.65 -28.91 15.69
N ARG A 118 -1.74 -28.46 15.10
CA ARG A 118 -1.72 -27.76 13.80
C ARG A 118 -2.13 -26.30 13.91
N VAL A 119 -1.54 -25.48 13.06
CA VAL A 119 -2.01 -24.12 12.87
C VAL A 119 -3.26 -24.09 12.00
N LEU A 120 -4.32 -23.56 12.59
CA LEU A 120 -5.58 -23.30 11.92
C LEU A 120 -5.80 -21.79 11.94
N ALA A 121 -5.90 -21.18 10.77
CA ALA A 121 -6.15 -19.76 10.65
C ALA A 121 -7.36 -19.52 9.78
N HIS A 122 -7.97 -18.36 9.93
CA HIS A 122 -9.12 -18.04 9.10
C HIS A 122 -8.93 -16.73 8.36
N GLY A 123 -9.73 -16.52 7.31
CA GLY A 123 -9.51 -15.42 6.37
C GLY A 123 -10.11 -14.08 6.74
N SER A 124 -9.76 -13.59 7.92
CA SER A 124 -10.18 -12.31 8.39
C SER A 124 -9.11 -11.33 7.93
N ASN A 125 -9.09 -11.04 6.64
CA ASN A 125 -8.03 -10.22 6.08
C ASN A 125 -8.06 -8.77 6.50
N PHE A 126 -9.24 -8.21 6.65
CA PHE A 126 -9.31 -6.76 6.89
C PHE A 126 -8.64 -6.41 8.22
N VAL A 127 -8.69 -7.35 9.14
CA VAL A 127 -8.02 -7.26 10.42
C VAL A 127 -6.50 -7.17 10.31
N HIS A 128 -5.96 -7.53 9.14
CA HIS A 128 -4.53 -7.35 8.78
C HIS A 128 -4.28 -6.26 7.73
N SER A 129 -5.34 -5.56 7.32
CA SER A 129 -5.24 -4.44 6.43
C SER A 129 -4.50 -3.32 7.08
N PRO A 130 -3.37 -2.90 6.48
CA PRO A 130 -2.51 -1.86 7.07
C PRO A 130 -3.22 -0.59 7.45
N LYS A 131 -4.19 -0.18 6.63
CA LYS A 131 -4.95 1.02 6.96
C LYS A 131 -5.90 0.75 8.15
N PHE A 132 -6.45 -0.47 8.28
CA PHE A 132 -7.26 -0.77 9.49
C PHE A 132 -6.40 -0.90 10.74
N VAL A 133 -5.22 -1.47 10.57
CA VAL A 133 -4.26 -1.58 11.66
C VAL A 133 -3.96 -0.19 12.21
N ARG A 134 -3.73 0.73 11.30
CA ARG A 134 -3.46 2.11 11.67
C ARG A 134 -4.65 2.69 12.42
N ALA A 135 -5.84 2.39 11.92
CA ALA A 135 -7.02 2.95 12.51
C ALA A 135 -7.08 2.52 13.98
N ARG A 136 -6.81 1.25 14.21
CA ARG A 136 -6.87 0.69 15.56
C ARG A 136 -5.86 1.33 16.50
N GLN A 137 -4.68 1.63 16.00
CA GLN A 137 -3.71 2.31 16.85
C GLN A 137 -4.30 3.61 17.35
N LEU A 138 -4.97 4.32 16.44
CA LEU A 138 -5.48 5.64 16.77
C LEU A 138 -6.57 5.53 17.80
N VAL A 139 -7.41 4.50 17.72
CA VAL A 139 -8.47 4.46 18.71
C VAL A 139 -7.88 4.08 20.05
N ALA A 140 -6.78 3.35 20.04
CA ALA A 140 -6.14 2.86 21.25
C ALA A 140 -5.31 3.96 21.90
N ASP A 141 -5.17 5.09 21.21
CA ASP A 141 -4.48 6.28 21.73
C ASP A 141 -5.42 6.98 22.69
N THR A 142 -5.47 6.49 23.92
CA THR A 142 -6.46 6.95 24.89
C THR A 142 -6.39 8.45 25.13
N GLU A 143 -5.22 9.05 25.12
CA GLU A 143 -5.20 10.49 25.35
C GLU A 143 -6.01 11.26 24.31
N ALA A 144 -5.83 10.92 23.03
CA ALA A 144 -6.47 11.68 21.91
C ALA A 144 -7.92 11.28 21.71
N PHE A 145 -8.15 9.96 21.72
CA PHE A 145 -9.43 9.35 21.38
C PHE A 145 -10.44 9.20 22.53
N GLY A 146 -9.93 8.96 23.76
CA GLY A 146 -10.78 8.66 24.88
C GLY A 146 -11.30 7.25 24.80
N ARG A 147 -12.43 7.03 25.48
CA ARG A 147 -13.05 5.74 25.55
C ARG A 147 -13.94 5.56 24.31
N PRO A 148 -13.71 4.50 23.56
CA PRO A 148 -14.60 4.25 22.43
C PRO A 148 -16.00 3.90 22.93
N HIS A 149 -17.00 4.57 22.37
CA HIS A 149 -18.39 4.23 22.65
C HIS A 149 -19.22 3.80 21.44
N LEU A 150 -18.71 3.98 20.22
CA LEU A 150 -19.44 3.56 19.03
C LEU A 150 -18.49 3.10 17.95
N VAL A 151 -18.79 1.96 17.36
CA VAL A 151 -18.06 1.49 16.21
C VAL A 151 -19.07 0.98 15.21
N ARG A 152 -18.88 1.31 13.95
CA ARG A 152 -19.77 0.95 12.85
C ARG A 152 -18.96 0.49 11.67
N VAL A 153 -19.29 -0.66 11.13
CA VAL A 153 -18.61 -1.14 9.93
C VAL A 153 -19.63 -1.44 8.88
N VAL A 154 -19.38 -0.94 7.70
CA VAL A 154 -20.31 -1.07 6.57
C VAL A 154 -19.63 -1.87 5.49
N PHE A 155 -20.32 -2.85 4.96
CA PHE A 155 -19.83 -3.69 3.86
C PHE A 155 -20.94 -3.88 2.85
N ARG A 156 -20.82 -3.30 1.67
CA ARG A 156 -21.93 -3.41 0.73
C ARG A 156 -21.42 -3.61 -0.64
N ASN A 157 -22.17 -4.41 -1.40
CA ASN A 157 -21.88 -4.61 -2.78
C ASN A 157 -23.15 -5.01 -3.53
N SER A 158 -23.02 -5.46 -4.77
CA SER A 158 -24.17 -5.76 -5.53
C SER A 158 -24.40 -7.26 -5.55
N GLY A 159 -23.72 -7.95 -4.66
CA GLY A 159 -24.06 -9.34 -4.40
C GLY A 159 -23.06 -10.31 -5.01
N PRO A 160 -22.99 -11.50 -4.48
CA PRO A 160 -22.05 -12.48 -5.01
C PRO A 160 -22.39 -12.96 -6.39
N GLU A 161 -21.39 -13.23 -7.21
CA GLU A 161 -21.61 -13.63 -8.58
C GLU A 161 -21.69 -15.14 -8.76
N ALA A 162 -21.00 -15.93 -7.94
CA ALA A 162 -21.11 -17.43 -8.02
C ALA A 162 -22.46 -18.02 -7.59
N ALA A 163 -22.96 -18.96 -8.37
CA ALA A 163 -24.24 -19.63 -8.10
C ALA A 163 -24.36 -20.23 -6.71
N TRP A 164 -23.24 -20.73 -6.19
CA TRP A 164 -23.28 -21.43 -4.92
C TRP A 164 -23.69 -20.51 -3.78
N ALA A 165 -23.35 -19.24 -3.91
CA ALA A 165 -23.73 -18.25 -2.91
C ALA A 165 -25.26 -18.08 -2.80
N ALA A 166 -26.00 -18.55 -3.79
CA ALA A 166 -27.48 -18.56 -3.70
C ALA A 166 -28.11 -19.70 -2.88
N SER A 167 -27.33 -20.70 -2.45
CA SER A 167 -27.88 -21.89 -1.81
C SER A 167 -27.58 -21.97 -0.35
N LYS A 168 -28.58 -22.21 0.46
CA LYS A 168 -28.35 -22.41 1.87
C LYS A 168 -27.35 -23.52 2.13
N ASP A 169 -27.44 -24.65 1.41
CA ASP A 169 -26.46 -25.75 1.70
C ASP A 169 -25.01 -25.38 1.36
N LEU A 170 -24.82 -24.72 0.21
CA LEU A 170 -23.51 -24.37 -0.27
C LEU A 170 -22.94 -23.14 0.40
N ALA A 171 -23.78 -22.16 0.69
CA ALA A 171 -23.29 -20.89 1.28
C ALA A 171 -23.41 -20.87 2.77
N GLY A 172 -24.33 -21.64 3.30
CA GLY A 172 -24.52 -21.67 4.73
C GLY A 172 -25.40 -20.55 5.23
N GLY A 173 -25.66 -19.55 4.41
CA GLY A 173 -26.20 -18.28 4.88
C GLY A 173 -26.14 -17.25 3.79
N GLY A 174 -26.85 -16.15 4.00
CA GLY A 174 -26.88 -15.03 3.08
C GLY A 174 -25.88 -13.95 3.48
N ALA A 175 -26.23 -12.72 3.09
CA ALA A 175 -25.38 -11.57 3.32
C ALA A 175 -24.85 -11.39 4.77
N LEU A 176 -25.64 -11.80 5.75
CA LEU A 176 -25.19 -11.67 7.13
C LEU A 176 -23.97 -12.52 7.44
N LEU A 177 -23.86 -13.64 6.76
CA LEU A 177 -22.76 -14.56 7.00
C LEU A 177 -21.58 -14.28 6.06
N ASP A 178 -21.91 -14.02 4.82
CA ASP A 178 -20.91 -13.63 3.86
C ASP A 178 -20.17 -12.34 4.23
N LEU A 179 -20.89 -11.30 4.66
CA LEU A 179 -20.30 -9.95 4.89
C LEU A 179 -20.25 -9.62 6.38
N GLY A 180 -21.33 -9.94 7.09
CA GLY A 180 -21.40 -9.70 8.53
C GLY A 180 -20.24 -10.30 9.29
N CYS A 181 -19.86 -11.52 8.92
CA CYS A 181 -18.75 -12.15 9.58
C CYS A 181 -17.60 -11.16 9.60
N HIS A 182 -17.28 -10.52 8.47
CA HIS A 182 -16.17 -9.58 8.45
C HIS A 182 -16.43 -8.32 9.27
N ALA A 183 -17.64 -7.82 9.18
CA ALA A 183 -17.99 -6.59 9.86
C ALA A 183 -17.91 -6.81 11.36
N VAL A 184 -18.42 -7.95 11.81
CA VAL A 184 -18.41 -8.27 13.23
C VAL A 184 -16.96 -8.42 13.72
N GLU A 185 -16.19 -9.11 12.91
CA GLU A 185 -14.87 -9.43 13.30
C GLU A 185 -14.11 -8.10 13.50
N LEU A 186 -14.36 -7.17 12.59
CA LEU A 186 -13.72 -5.84 12.64
C LEU A 186 -14.13 -4.97 13.81
N CYS A 187 -15.41 -4.98 14.11
CA CYS A 187 -15.92 -4.26 15.24
C CYS A 187 -15.20 -4.68 16.50
N ARG A 188 -15.14 -5.98 16.76
CA ARG A 188 -14.49 -6.50 17.96
C ARG A 188 -12.98 -6.24 18.01
N TRP A 189 -12.34 -6.33 16.86
CA TRP A 189 -10.91 -6.17 16.76
C TRP A 189 -10.50 -4.70 16.93
N LEU A 190 -11.30 -3.82 16.33
CA LEU A 190 -11.10 -2.37 16.44
C LEU A 190 -11.20 -1.90 17.90
N LEU A 191 -11.93 -2.63 18.73
CA LEU A 191 -12.04 -2.35 20.14
C LEU A 191 -11.26 -3.35 20.97
N ASP A 192 -10.14 -3.81 20.43
CA ASP A 192 -9.16 -4.58 21.20
C ASP A 192 -9.69 -5.91 21.72
N GLY A 193 -10.58 -6.55 20.96
CA GLY A 193 -11.19 -7.84 21.36
C GLY A 193 -12.33 -7.78 22.37
N ALA A 194 -13.04 -6.66 22.38
CA ALA A 194 -14.20 -6.43 23.25
C ALA A 194 -15.14 -7.61 23.34
N ASP A 195 -15.65 -7.80 24.55
CA ASP A 195 -16.60 -8.86 24.83
C ASP A 195 -18.00 -8.41 24.51
N VAL A 196 -18.69 -9.24 23.78
CA VAL A 196 -20.09 -8.99 23.43
C VAL A 196 -21.02 -9.50 24.52
N GLU A 197 -21.92 -8.65 24.99
CA GLU A 197 -22.94 -9.04 25.98
C GLU A 197 -24.36 -9.21 25.40
N SER A 198 -24.65 -8.57 24.26
CA SER A 198 -25.95 -8.78 23.58
C SER A 198 -25.86 -8.55 22.06
N VAL A 199 -26.86 -9.03 21.36
CA VAL A 199 -26.89 -8.95 19.93
C VAL A 199 -28.31 -8.73 19.46
N SER A 200 -28.44 -7.90 18.45
CA SER A 200 -29.75 -7.59 17.87
C SER A 200 -29.58 -7.54 16.38
N ALA A 201 -30.55 -8.03 15.62
CA ALA A 201 -30.43 -8.00 14.20
C ALA A 201 -31.79 -8.01 13.51
N ARG A 202 -31.89 -7.30 12.38
CA ARG A 202 -32.97 -7.52 11.41
C ARG A 202 -32.36 -7.86 10.07
N LEU A 203 -33.01 -8.78 9.36
CA LEU A 203 -32.65 -9.12 8.00
C LEU A 203 -33.73 -8.70 7.00
N GLN A 204 -33.30 -8.45 5.77
CA GLN A 204 -34.18 -8.15 4.66
C GLN A 204 -33.96 -9.07 3.46
N ARG A 205 -35.02 -9.32 2.70
N ARG A 205 -35.03 -9.33 2.71
CA ARG A 205 -34.91 -9.90 1.38
CA ARG A 205 -34.94 -9.90 1.38
C ARG A 205 -35.40 -8.85 0.40
C ARG A 205 -35.41 -8.83 0.41
N VAL A 206 -34.46 -8.11 -0.16
CA VAL A 206 -34.79 -7.05 -1.09
C VAL A 206 -35.09 -7.60 -2.44
N ARG A 207 -34.18 -8.41 -2.98
CA ARG A 207 -34.42 -9.04 -4.30
C ARG A 207 -35.58 -10.04 -4.22
N PRO A 208 -36.36 -10.16 -5.30
CA PRO A 208 -37.36 -11.24 -5.34
C PRO A 208 -36.75 -12.66 -5.19
N PRO A 209 -37.52 -13.62 -4.61
CA PRO A 209 -37.17 -15.03 -4.30
C PRO A 209 -36.11 -15.70 -5.17
N ALA A 227 -35.56 -18.27 1.18
CA ALA A 227 -34.61 -17.38 0.46
C ALA A 227 -33.59 -16.69 1.40
N LEU A 228 -32.35 -16.52 0.91
CA LEU A 228 -31.30 -16.00 1.76
C LEU A 228 -31.42 -14.48 1.93
N GLU A 229 -31.07 -13.95 3.09
CA GLU A 229 -31.16 -12.53 3.30
C GLU A 229 -30.10 -11.86 2.40
N ASP A 230 -30.47 -10.76 1.74
CA ASP A 230 -29.52 -9.96 0.95
C ASP A 230 -29.19 -8.59 1.64
N GLN A 231 -29.78 -8.31 2.79
CA GLN A 231 -29.33 -7.14 3.54
C GLN A 231 -29.60 -7.32 5.02
N ALA A 232 -28.71 -6.81 5.85
CA ALA A 232 -28.83 -7.02 7.27
C ALA A 232 -28.22 -5.87 8.07
N LEU A 233 -28.78 -5.67 9.25
CA LEU A 233 -28.20 -4.82 10.25
C LEU A 233 -28.05 -5.65 11.52
N LEU A 234 -26.85 -5.64 12.09
CA LEU A 234 -26.62 -6.33 13.35
C LEU A 234 -25.99 -5.40 14.31
N VAL A 235 -26.42 -5.43 15.54
CA VAL A 235 -25.97 -4.46 16.52
C VAL A 235 -25.52 -5.18 17.78
N MET A 236 -24.31 -4.86 18.23
CA MET A 236 -23.73 -5.48 19.39
C MET A 236 -23.59 -4.51 20.56
N GLU A 237 -23.97 -4.95 21.75
CA GLU A 237 -23.67 -4.24 22.97
C GLU A 237 -22.46 -4.90 23.62
N PHE A 238 -21.41 -4.13 23.90
CA PHE A 238 -20.17 -4.63 24.46
C PHE A 238 -20.10 -4.35 25.96
N ALA A 239 -19.20 -5.07 26.61
CA ALA A 239 -19.03 -5.03 28.08
C ALA A 239 -18.74 -3.64 28.59
N ASP A 240 -17.73 -3.00 28.03
CA ASP A 240 -17.33 -1.63 28.39
C ASP A 240 -18.41 -0.53 28.17
N GLY A 241 -19.61 -0.87 27.73
CA GLY A 241 -20.65 0.12 27.39
C GLY A 241 -20.82 0.47 25.92
N ALA A 242 -19.84 0.17 25.09
CA ALA A 242 -19.90 0.58 23.66
C ALA A 242 -20.90 -0.18 22.82
N VAL A 243 -21.31 0.40 21.70
CA VAL A 243 -22.24 -0.24 20.78
C VAL A 243 -21.64 -0.36 19.37
N GLY A 244 -21.71 -1.56 18.81
CA GLY A 244 -21.23 -1.80 17.46
C GLY A 244 -22.35 -2.09 16.48
N GLN A 245 -22.30 -1.44 15.33
CA GLN A 245 -23.23 -1.66 14.24
C GLN A 245 -22.53 -2.36 13.03
N CYS A 246 -23.18 -3.36 12.48
CA CYS A 246 -22.74 -3.98 11.25
C CYS A 246 -23.84 -3.85 10.22
N ASP A 247 -23.55 -3.12 9.13
CA ASP A 247 -24.56 -2.82 8.10
C ASP A 247 -24.03 -3.42 6.82
N VAL A 248 -24.70 -4.45 6.30
CA VAL A 248 -24.19 -5.15 5.15
C VAL A 248 -25.28 -5.38 4.13
N SER A 249 -24.87 -5.47 2.86
CA SER A 249 -25.82 -5.50 1.78
C SER A 249 -25.26 -6.23 0.55
N TRP A 250 -26.12 -7.01 -0.09
CA TRP A 250 -25.80 -7.62 -1.37
C TRP A 250 -26.47 -6.85 -2.48
N VAL A 251 -27.08 -5.75 -2.12
CA VAL A 251 -28.09 -5.22 -2.97
C VAL A 251 -27.87 -3.67 -3.13
N THR A 252 -26.62 -3.27 -3.07
CA THR A 252 -26.16 -1.90 -3.21
C THR A 252 -25.30 -1.76 -4.52
N GLN A 253 -25.81 -0.93 -5.42
CA GLN A 253 -25.10 -0.65 -6.65
C GLN A 253 -24.05 0.46 -6.52
N GLY A 254 -23.29 0.66 -7.60
CA GLY A 254 -22.38 1.80 -7.71
C GLY A 254 -21.03 1.51 -7.09
N GLY A 255 -20.76 0.27 -6.65
CA GLY A 255 -19.40 -0.12 -6.25
C GLY A 255 -19.26 -0.62 -4.84
N GLU A 256 -18.40 -1.59 -4.62
CA GLU A 256 -18.25 -2.16 -3.31
C GLU A 256 -17.90 -1.03 -2.37
N GLN A 257 -18.55 -1.03 -1.21
CA GLN A 257 -18.18 -0.17 -0.14
C GLN A 257 -17.65 -0.98 1.07
N VAL A 258 -16.54 -0.54 1.66
CA VAL A 258 -16.02 -1.06 2.98
C VAL A 258 -15.52 0.11 3.82
N THR A 259 -16.29 0.50 4.81
CA THR A 259 -15.94 1.73 5.57
C THR A 259 -16.14 1.40 7.03
N ALA A 260 -15.55 2.22 7.86
CA ALA A 260 -15.65 2.03 9.29
C ALA A 260 -15.51 3.34 9.97
N GLU A 261 -16.20 3.50 11.09
CA GLU A 261 -16.06 4.72 11.89
C GLU A 261 -16.05 4.31 13.33
N ILE A 262 -15.16 4.92 14.11
CA ILE A 262 -15.10 4.67 15.52
C ILE A 262 -15.22 6.01 16.18
N ILE A 263 -16.06 6.08 17.23
CA ILE A 263 -16.28 7.35 17.93
C ILE A 263 -16.02 7.17 19.42
N GLY A 264 -15.22 8.05 19.99
CA GLY A 264 -14.91 8.02 21.40
C GLY A 264 -15.42 9.24 22.15
N THR A 265 -15.07 9.31 23.43
CA THR A 265 -15.50 10.46 24.22
C THR A 265 -14.76 11.71 23.77
N LYS A 266 -13.54 11.55 23.25
CA LYS A 266 -12.70 12.69 22.82
C LYS A 266 -12.47 12.76 21.29
N GLY A 267 -12.35 11.61 20.63
CA GLY A 267 -12.10 11.55 19.18
C GLY A 267 -13.08 10.82 18.26
N ARG A 268 -12.71 10.80 16.97
CA ARG A 268 -13.32 9.99 15.92
C ARG A 268 -12.24 9.45 14.97
N VAL A 269 -12.44 8.26 14.43
CA VAL A 269 -11.60 7.70 13.37
C VAL A 269 -12.51 7.16 12.27
N GLU A 270 -12.25 7.54 11.03
CA GLU A 270 -13.04 7.11 9.87
C GLU A 270 -12.07 6.44 8.93
N VAL A 271 -12.49 5.30 8.39
CA VAL A 271 -11.72 4.52 7.47
C VAL A 271 -12.52 4.20 6.24
N ASP A 272 -11.87 4.30 5.09
CA ASP A 272 -12.51 4.05 3.81
C ASP A 272 -11.57 3.24 2.93
N LEU A 273 -11.92 2.00 2.66
CA LEU A 273 -11.10 1.16 1.83
C LEU A 273 -11.23 1.50 0.34
N TRP A 274 -12.40 1.39 -0.25
CA TRP A 274 -12.47 1.43 -1.75
C TRP A 274 -12.54 2.78 -2.35
N THR A 275 -12.90 3.79 -1.57
CA THR A 275 -12.84 5.17 -2.10
C THR A 275 -11.91 6.00 -1.24
N GLY A 276 -11.02 5.34 -0.53
CA GLY A 276 -9.90 6.00 0.07
C GLY A 276 -8.57 5.62 -0.57
N MET A 277 -8.54 5.52 -1.87
CA MET A 277 -7.33 5.21 -2.60
C MET A 277 -6.57 6.42 -3.14
N GLY A 278 -7.20 7.60 -3.12
CA GLY A 278 -6.60 8.77 -3.76
C GLY A 278 -6.44 8.70 -5.27
N LEU A 279 -7.34 7.98 -5.95
CA LEU A 279 -7.41 8.03 -7.41
C LEU A 279 -8.83 8.23 -7.88
N ARG A 280 -9.06 9.23 -8.72
CA ARG A 280 -10.35 9.38 -9.33
C ARG A 280 -10.05 9.40 -10.79
N ALA A 281 -10.99 8.89 -11.58
CA ALA A 281 -10.89 8.96 -13.03
C ALA A 281 -12.25 9.02 -13.68
N TYR A 282 -12.28 9.60 -14.86
CA TYR A 282 -13.51 9.74 -15.60
C TYR A 282 -13.33 9.36 -17.05
N SER A 283 -14.27 8.62 -17.61
CA SER A 283 -14.37 8.48 -19.07
C SER A 283 -15.83 8.24 -19.43
N ASP A 284 -16.18 8.35 -20.71
CA ASP A 284 -17.50 7.86 -21.24
C ASP A 284 -17.45 6.32 -21.38
N LYS A 285 -16.50 5.85 -22.17
CA LYS A 285 -16.27 4.44 -22.49
C LYS A 285 -16.26 3.50 -21.25
N GLY A 286 -15.32 3.72 -20.34
CA GLY A 286 -14.87 2.73 -19.36
C GLY A 286 -13.38 2.54 -19.62
N TYR A 287 -12.61 2.30 -18.55
CA TYR A 287 -11.15 2.14 -18.53
C TYR A 287 -10.81 0.66 -18.50
N GLN A 288 -9.86 0.23 -19.32
CA GLN A 288 -9.62 -1.20 -19.52
C GLN A 288 -9.55 -1.96 -18.22
N ASP A 289 -8.90 -1.42 -17.20
CA ASP A 289 -8.65 -2.27 -16.04
C ASP A 289 -9.51 -2.05 -14.81
N VAL A 290 -10.73 -1.54 -14.98
CA VAL A 290 -11.46 -0.97 -13.86
C VAL A 290 -12.85 -1.59 -13.72
N TRP A 291 -12.86 -2.71 -12.99
CA TRP A 291 -14.04 -3.52 -12.68
C TRP A 291 -15.32 -2.74 -12.87
N ASP A 292 -15.73 -2.03 -11.82
CA ASP A 292 -17.10 -1.51 -11.77
C ASP A 292 -17.43 -0.49 -10.63
N PRO A 293 -18.31 0.50 -10.92
CA PRO A 293 -18.87 0.77 -12.25
C PRO A 293 -17.74 0.95 -13.31
N GLU A 294 -18.09 0.81 -14.59
CA GLU A 294 -17.08 0.88 -15.65
C GLU A 294 -17.02 2.33 -16.08
N GLN A 295 -18.20 2.96 -16.23
CA GLN A 295 -18.31 4.24 -16.94
C GLN A 295 -18.58 5.45 -16.06
N GLY A 296 -18.21 6.62 -16.58
CA GLY A 296 -18.29 7.87 -15.85
C GLY A 296 -17.22 7.99 -14.76
N TRP A 297 -17.52 8.67 -13.65
CA TRP A 297 -16.56 8.77 -12.57
C TRP A 297 -16.42 7.47 -11.84
N VAL A 298 -15.17 7.07 -11.67
CA VAL A 298 -14.86 5.84 -10.94
C VAL A 298 -13.71 6.13 -10.01
N HIS A 299 -13.37 5.14 -9.19
CA HIS A 299 -12.32 5.27 -8.18
C HIS A 299 -11.39 4.12 -8.39
N PRO A 300 -10.49 4.26 -9.31
CA PRO A 300 -9.62 3.11 -9.49
C PRO A 300 -8.79 2.83 -8.26
N GLU A 301 -8.33 1.61 -8.29
CA GLU A 301 -7.84 0.84 -7.20
C GLU A 301 -6.33 0.69 -7.42
N TRP A 302 -5.55 0.63 -6.35
CA TRP A 302 -4.11 0.32 -6.46
C TRP A 302 -3.70 -0.55 -5.31
N GLU A 303 -3.06 -1.64 -5.67
CA GLU A 303 -2.68 -2.69 -4.75
C GLU A 303 -3.86 -3.16 -3.89
N TRP A 304 -5.04 -3.33 -4.52
CA TRP A 304 -6.20 -3.73 -3.74
C TRP A 304 -5.90 -4.94 -2.82
N ILE A 305 -5.17 -5.92 -3.31
CA ILE A 305 -4.88 -7.06 -2.49
C ILE A 305 -4.10 -6.63 -1.23
N ARG A 306 -3.05 -5.84 -1.36
CA ARG A 306 -2.32 -5.42 -0.17
C ARG A 306 -3.23 -4.62 0.78
N ALA A 307 -3.91 -3.67 0.19
CA ALA A 307 -4.74 -2.75 0.93
C ALA A 307 -5.80 -3.49 1.77
N SER A 308 -6.20 -4.65 1.29
CA SER A 308 -7.26 -5.42 1.91
C SER A 308 -6.79 -6.35 3.01
N GLY A 309 -5.48 -6.54 3.15
CA GLY A 309 -4.90 -7.34 4.24
C GLY A 309 -4.35 -8.69 3.83
N TYR A 310 -4.55 -9.12 2.60
CA TYR A 310 -4.18 -10.49 2.21
C TYR A 310 -2.66 -10.80 2.28
N TYR A 311 -1.78 -9.93 1.76
CA TYR A 311 -0.35 -10.17 1.89
C TYR A 311 0.04 -10.34 3.36
N HIS A 312 -0.43 -9.46 4.23
CA HIS A 312 -0.11 -9.52 5.64
C HIS A 312 -0.71 -10.74 6.34
N GLN A 313 -1.98 -11.02 6.07
CA GLN A 313 -2.63 -12.18 6.65
C GLN A 313 -1.83 -13.41 6.31
N ASP A 314 -1.65 -13.64 5.01
CA ASP A 314 -0.98 -14.85 4.56
C ASP A 314 0.47 -14.91 5.09
N GLY A 315 1.17 -13.79 5.09
CA GLY A 315 2.48 -13.73 5.73
C GLY A 315 2.49 -14.18 7.20
N THR A 316 1.51 -13.77 7.98
CA THR A 316 1.38 -14.21 9.36
C THR A 316 1.20 -15.72 9.46
N VAL A 317 0.41 -16.27 8.55
CA VAL A 317 0.14 -17.69 8.57
C VAL A 317 1.41 -18.40 8.16
N ILE A 318 2.02 -17.95 7.08
CA ILE A 318 3.32 -18.52 6.67
C ILE A 318 4.43 -18.43 7.75
N GLU A 319 4.52 -17.32 8.47
CA GLU A 319 5.47 -17.24 9.57
C GLU A 319 5.02 -18.13 10.73
N ALA A 320 3.72 -18.32 10.89
CA ALA A 320 3.23 -19.16 11.97
C ALA A 320 3.56 -20.62 11.70
N VAL A 321 3.36 -21.07 10.48
CA VAL A 321 3.73 -22.43 10.10
C VAL A 321 5.25 -22.60 10.01
N GLY A 322 5.92 -21.67 9.35
CA GLY A 322 7.35 -21.75 9.13
C GLY A 322 8.17 -21.75 10.40
N GLN A 323 7.91 -20.81 11.32
CA GLN A 323 8.61 -20.80 12.62
C GLN A 323 7.68 -20.62 13.84
N GLY A 324 6.68 -21.48 13.93
CA GLY A 324 5.80 -21.55 15.11
C GLY A 324 5.60 -20.26 15.88
N ILE A 325 5.45 -19.15 15.15
CA ILE A 325 5.06 -17.86 15.72
C ILE A 325 3.56 -17.90 15.97
N PRO A 326 3.11 -17.53 17.18
CA PRO A 326 1.68 -17.59 17.38
C PRO A 326 0.99 -16.59 16.45
N LEU A 327 -0.23 -16.93 16.01
CA LEU A 327 -1.02 -16.00 15.21
C LEU A 327 -1.42 -14.79 16.03
N THR A 328 -1.32 -13.61 15.42
CA THR A 328 -1.73 -12.40 16.10
C THR A 328 -3.25 -12.46 16.28
N HIS A 329 -3.96 -13.02 15.29
CA HIS A 329 -5.43 -13.12 15.27
C HIS A 329 -5.88 -14.57 14.98
N GLY A 330 -6.26 -15.30 16.01
CA GLY A 330 -6.55 -16.73 15.87
C GLY A 330 -7.99 -17.15 15.67
N PRO A 331 -8.21 -18.45 15.49
CA PRO A 331 -9.56 -18.97 15.23
C PRO A 331 -10.51 -18.93 16.43
N ALA A 332 -9.99 -18.65 17.62
CA ALA A 332 -10.85 -18.30 18.72
C ALA A 332 -11.70 -17.09 18.28
N GLU A 333 -11.08 -16.11 17.65
CA GLU A 333 -11.85 -14.96 17.14
C GLU A 333 -12.96 -15.35 16.13
N ALA A 334 -12.82 -16.49 15.46
CA ALA A 334 -13.84 -16.93 14.53
C ALA A 334 -15.01 -17.58 15.28
N LEU A 335 -14.70 -18.27 16.35
CA LEU A 335 -15.74 -18.82 17.21
C LEU A 335 -16.61 -17.67 17.77
N ALA A 336 -16.00 -16.58 18.22
CA ALA A 336 -16.76 -15.48 18.77
C ALA A 336 -17.69 -14.87 17.71
N SER A 337 -17.14 -14.61 16.51
CA SER A 337 -17.97 -14.04 15.47
C SER A 337 -19.09 -15.01 15.06
N ALA A 338 -18.80 -16.30 15.05
CA ALA A 338 -19.84 -17.28 14.75
C ALA A 338 -20.96 -17.22 15.78
N ARG A 339 -20.59 -17.12 17.05
CA ARG A 339 -21.59 -17.05 18.08
C ARG A 339 -22.41 -15.77 17.86
N VAL A 340 -21.75 -14.68 17.51
CA VAL A 340 -22.49 -13.46 17.28
C VAL A 340 -23.52 -13.58 16.16
N LEU A 341 -23.12 -14.20 15.04
CA LEU A 341 -24.00 -14.36 13.89
C LEU A 341 -25.15 -15.32 14.14
N ALA A 342 -24.83 -16.48 14.65
CA ALA A 342 -25.86 -17.40 15.13
C ALA A 342 -26.90 -16.67 16.02
N THR A 343 -26.39 -15.86 16.96
CA THR A 343 -27.26 -15.10 17.83
C THR A 343 -28.01 -14.06 17.03
N GLY A 344 -27.34 -13.48 16.05
CA GLY A 344 -28.00 -12.51 15.19
C GLY A 344 -29.15 -13.12 14.42
N TYR A 345 -28.94 -14.31 13.86
CA TYR A 345 -29.99 -15.00 13.11
C TYR A 345 -31.22 -15.26 14.02
N ARG A 346 -30.92 -15.65 15.24
CA ARG A 346 -31.95 -16.03 16.18
C ARG A 346 -32.71 -14.80 16.63
N SER A 347 -31.98 -13.71 16.85
CA SER A 347 -32.57 -12.44 17.25
C SER A 347 -33.58 -11.96 16.22
N HIS A 348 -33.22 -12.08 14.94
CA HIS A 348 -34.13 -11.66 13.89
C HIS A 348 -35.38 -12.49 14.00
N ALA A 349 -35.25 -13.80 14.02
CA ALA A 349 -36.41 -14.70 14.12
C ALA A 349 -37.34 -14.39 15.30
N GLU A 350 -36.76 -14.22 16.49
CA GLU A 350 -37.54 -13.97 17.69
C GLU A 350 -37.95 -12.50 17.87
N GLY A 351 -37.37 -11.57 17.12
CA GLY A 351 -37.74 -10.14 17.25
C GLY A 351 -37.20 -9.45 18.50
N ARG A 352 -36.07 -9.91 19.02
CA ARG A 352 -35.62 -9.53 20.33
C ARG A 352 -34.14 -9.44 20.40
N VAL A 353 -33.69 -8.61 21.33
CA VAL A 353 -32.30 -8.59 21.72
C VAL A 353 -31.95 -9.81 22.60
N LEU A 354 -30.91 -10.54 22.22
CA LEU A 354 -30.46 -11.77 22.89
C LEU A 354 -29.04 -11.72 23.47
N ARG A 355 -28.80 -12.52 24.50
CA ARG A 355 -27.46 -12.78 24.97
C ARG A 355 -26.88 -13.86 24.07
N LEU A 356 -25.54 -13.97 24.08
CA LEU A 356 -24.82 -15.00 23.31
C LEU A 356 -25.25 -16.44 23.56
N SER A 357 -25.83 -16.69 24.73
CA SER A 357 -26.40 -17.96 25.04
C SER A 357 -27.74 -18.25 24.32
N GLY A 358 -28.33 -17.26 23.63
CA GLY A 358 -29.68 -17.42 23.00
C GLY A 358 -30.82 -16.89 23.88
N ALA A 359 -30.47 -16.52 25.11
CA ALA A 359 -31.44 -16.14 26.12
C ALA A 359 -31.82 -14.71 25.86
N PRO A 360 -33.10 -14.36 26.12
CA PRO A 360 -33.51 -12.97 25.92
C PRO A 360 -33.06 -12.03 27.04
N VAL A 361 -32.22 -11.09 26.71
CA VAL A 361 -32.02 -9.95 27.55
C VAL A 361 -33.41 -9.39 27.92
N PRO B 4 23.41 -11.49 -2.83
CA PRO B 4 22.89 -10.56 -1.77
C PRO B 4 23.59 -9.18 -1.80
N VAL B 5 22.81 -8.11 -2.02
CA VAL B 5 23.36 -6.79 -2.36
C VAL B 5 23.74 -5.97 -1.12
N ARG B 6 25.01 -5.66 -1.00
CA ARG B 6 25.48 -5.15 0.29
C ARG B 6 25.52 -3.63 0.20
N VAL B 7 24.75 -2.98 1.07
CA VAL B 7 24.46 -1.56 0.92
C VAL B 7 25.03 -0.65 2.01
N GLY B 8 25.46 0.53 1.62
CA GLY B 8 25.89 1.53 2.59
C GLY B 8 25.11 2.80 2.38
N VAL B 9 24.67 3.40 3.47
CA VAL B 9 23.84 4.60 3.42
C VAL B 9 24.66 5.79 3.86
N VAL B 10 24.88 6.66 2.91
CA VAL B 10 25.65 7.86 3.14
C VAL B 10 24.71 9.00 3.49
N GLY B 11 24.84 9.50 4.71
CA GLY B 11 23.96 10.54 5.25
C GLY B 11 22.81 9.91 6.06
N ALA B 12 22.73 10.22 7.35
CA ALA B 12 21.79 9.57 8.23
C ALA B 12 20.75 10.55 8.77
N GLY B 13 20.27 11.43 7.91
CA GLY B 13 19.17 12.28 8.32
C GLY B 13 17.87 11.63 7.88
N PHE B 14 16.96 12.49 7.44
CA PHE B 14 15.64 12.05 7.17
C PHE B 14 15.61 10.92 6.12
N MET B 15 16.21 11.18 4.97
CA MET B 15 16.13 10.24 3.88
C MET B 15 17.05 9.04 4.00
N GLY B 16 18.18 9.21 4.68
CA GLY B 16 18.97 8.07 5.09
C GLY B 16 18.13 7.07 5.85
N GLY B 17 17.28 7.58 6.75
CA GLY B 17 16.35 6.73 7.52
C GLY B 17 15.32 6.00 6.71
N VAL B 18 14.77 6.70 5.74
CA VAL B 18 13.80 6.09 4.83
C VAL B 18 14.46 4.94 4.04
N HIS B 19 15.60 5.23 3.43
CA HIS B 19 16.31 4.21 2.68
C HIS B 19 16.81 3.05 3.56
N ALA B 20 17.40 3.37 4.70
CA ALA B 20 17.74 2.31 5.66
C ALA B 20 16.55 1.32 5.93
N GLU B 21 15.37 1.85 6.24
CA GLU B 21 14.21 0.98 6.47
C GLU B 21 13.94 0.03 5.29
N VAL B 22 14.02 0.57 4.08
CA VAL B 22 13.63 -0.17 2.89
C VAL B 22 14.60 -1.28 2.61
N VAL B 23 15.86 -0.98 2.88
CA VAL B 23 16.95 -1.89 2.61
C VAL B 23 16.93 -3.02 3.61
N ALA B 24 16.88 -2.64 4.89
CA ALA B 24 16.68 -3.58 5.97
C ALA B 24 15.62 -4.62 5.62
N ALA B 25 14.54 -4.19 4.97
CA ALA B 25 13.38 -5.06 4.73
C ALA B 25 13.51 -5.85 3.44
N HIS B 26 14.51 -5.57 2.63
CA HIS B 26 14.56 -6.17 1.32
C HIS B 26 15.34 -7.48 1.40
N PRO B 27 14.65 -8.60 1.11
CA PRO B 27 15.28 -9.92 1.30
C PRO B 27 16.54 -10.11 0.47
N GLY B 28 16.58 -9.49 -0.71
CA GLY B 28 17.75 -9.54 -1.59
C GLY B 28 18.88 -8.54 -1.30
N ALA B 29 18.85 -7.90 -0.14
CA ALA B 29 19.90 -6.96 0.22
C ALA B 29 20.19 -6.95 1.70
N ARG B 30 21.34 -6.38 2.05
CA ARG B 30 21.74 -6.26 3.43
C ARG B 30 22.22 -4.84 3.66
N LEU B 31 21.80 -4.25 4.78
CA LEU B 31 22.29 -2.94 5.22
C LEU B 31 23.66 -3.08 5.96
N GLU B 32 24.74 -2.86 5.21
CA GLU B 32 26.09 -3.08 5.73
C GLU B 32 26.64 -1.89 6.55
N ALA B 33 26.41 -0.67 6.10
CA ALA B 33 27.02 0.50 6.75
C ALA B 33 26.17 1.75 6.77
N VAL B 34 26.32 2.55 7.80
CA VAL B 34 25.74 3.89 7.82
C VAL B 34 26.81 4.92 8.07
N HIS B 35 26.94 5.88 7.16
CA HIS B 35 27.91 6.92 7.32
C HIS B 35 27.26 8.28 7.44
N ASP B 36 27.83 9.16 8.25
CA ASP B 36 27.37 10.53 8.36
C ASP B 36 28.49 11.35 8.99
N LEU B 37 28.78 12.52 8.44
CA LEU B 37 29.71 13.45 9.06
C LEU B 37 29.53 13.51 10.57
N ASP B 38 28.27 13.50 11.03
CA ASP B 38 27.94 13.37 12.45
C ASP B 38 27.84 11.88 12.85
N PRO B 39 28.80 11.38 13.61
CA PRO B 39 28.85 9.91 13.74
C PRO B 39 27.78 9.36 14.67
N ALA B 40 27.26 10.22 15.56
CA ALA B 40 26.18 9.83 16.50
C ALA B 40 24.88 9.63 15.78
N ALA B 41 24.67 10.40 14.73
CA ALA B 41 23.48 10.23 13.95
C ALA B 41 23.58 8.93 13.15
N ALA B 42 24.79 8.57 12.71
CA ALA B 42 25.01 7.31 11.98
C ALA B 42 24.86 6.11 12.88
N ARG B 43 25.46 6.18 14.08
CA ARG B 43 25.26 5.12 15.06
C ARG B 43 23.78 4.87 15.34
N ASP B 44 23.03 5.94 15.65
CA ASP B 44 21.56 5.91 15.90
C ASP B 44 20.87 5.03 14.90
N LEU B 45 21.21 5.25 13.65
CA LEU B 45 20.49 4.65 12.57
C LEU B 45 20.95 3.22 12.31
N ALA B 46 22.25 2.97 12.39
CA ALA B 46 22.76 1.60 12.30
C ALA B 46 22.03 0.71 13.30
N GLU B 47 21.80 1.26 14.49
CA GLU B 47 21.08 0.57 15.54
C GLU B 47 19.57 0.40 15.23
N ARG B 48 18.88 1.46 14.83
CA ARG B 48 17.44 1.34 14.55
C ARG B 48 17.17 0.20 13.58
N PHE B 49 18.07 0.02 12.62
CA PHE B 49 17.81 -0.89 11.51
C PHE B 49 18.81 -2.06 11.35
N ARG B 50 19.62 -2.27 12.38
CA ARG B 50 20.51 -3.43 12.49
C ARG B 50 21.53 -3.52 11.39
N ALA B 51 22.14 -2.39 11.09
CA ALA B 51 23.17 -2.33 10.08
C ALA B 51 24.39 -3.04 10.64
N GLU B 52 25.18 -3.67 9.77
CA GLU B 52 26.42 -4.32 10.20
C GLU B 52 27.28 -3.38 11.03
N ARG B 53 27.46 -2.15 10.58
CA ARG B 53 28.26 -1.23 11.36
C ARG B 53 27.93 0.22 11.03
N ALA B 54 28.43 1.12 11.87
CA ALA B 54 28.46 2.53 11.58
C ALA B 54 29.87 2.86 11.13
N GLU B 55 30.00 3.51 9.99
CA GLU B 55 31.31 3.87 9.45
C GLU B 55 31.54 5.37 9.59
N PRO B 56 32.45 5.76 10.47
CA PRO B 56 32.70 7.17 10.66
C PRO B 56 33.53 7.76 9.56
N SER B 57 34.17 6.90 8.74
CA SER B 57 35.12 7.37 7.72
C SER B 57 34.73 7.08 6.27
N TRP B 58 34.74 8.17 5.50
CA TRP B 58 34.31 8.17 4.10
C TRP B 58 35.32 7.37 3.27
N ALA B 59 36.60 7.69 3.45
CA ALA B 59 37.66 6.98 2.74
C ALA B 59 37.55 5.47 3.00
N ASP B 60 37.32 5.11 4.26
CA ASP B 60 37.24 3.70 4.62
C ASP B 60 36.01 3.08 4.01
N LEU B 61 34.92 3.84 3.98
CA LEU B 61 33.68 3.34 3.36
C LEU B 61 33.87 2.99 1.91
N LEU B 62 34.46 3.93 1.17
CA LEU B 62 34.73 3.72 -0.26
C LEU B 62 35.64 2.52 -0.53
N ALA B 63 36.66 2.37 0.32
CA ALA B 63 37.67 1.31 0.19
C ALA B 63 37.14 -0.09 0.48
N ASP B 64 36.18 -0.21 1.37
CA ASP B 64 35.58 -1.50 1.69
C ASP B 64 35.12 -2.25 0.44
N PRO B 65 35.74 -3.43 0.15
CA PRO B 65 35.27 -4.24 -1.00
C PRO B 65 33.95 -4.96 -0.71
N ALA B 66 33.51 -5.05 0.55
CA ALA B 66 32.18 -5.62 0.87
C ALA B 66 30.97 -4.81 0.32
N ILE B 67 31.03 -3.49 0.39
CA ILE B 67 29.93 -2.65 -0.09
C ILE B 67 29.75 -2.69 -1.64
N ASP B 68 28.58 -3.09 -2.11
CA ASP B 68 28.25 -3.10 -3.54
C ASP B 68 27.59 -1.79 -4.00
N LEU B 69 26.77 -1.20 -3.12
CA LEU B 69 25.92 -0.06 -3.46
C LEU B 69 25.90 0.99 -2.37
N LEU B 70 26.13 2.25 -2.74
CA LEU B 70 25.90 3.35 -1.82
C LEU B 70 24.63 4.12 -2.15
N ILE B 71 23.95 4.55 -1.10
CA ILE B 71 22.81 5.42 -1.25
C ILE B 71 23.13 6.76 -0.64
N ILE B 72 23.08 7.81 -1.45
CA ILE B 72 23.60 9.11 -1.02
C ILE B 72 22.46 10.04 -0.65
N THR B 73 22.37 10.38 0.63
CA THR B 73 21.26 11.16 1.14
C THR B 73 21.81 12.35 1.89
N THR B 74 22.80 13.00 1.28
CA THR B 74 23.45 14.15 1.88
C THR B 74 22.85 15.38 1.24
N PRO B 75 23.29 16.57 1.67
CA PRO B 75 22.75 17.80 1.05
C PRO B 75 23.13 17.92 -0.43
N ASN B 76 22.33 18.64 -1.20
CA ASN B 76 22.42 18.60 -2.67
C ASN B 76 23.81 19.02 -3.21
N GLY B 77 24.35 20.10 -2.64
CA GLY B 77 25.72 20.57 -2.98
C GLY B 77 26.79 19.48 -3.03
N LEU B 78 26.63 18.43 -2.21
CA LEU B 78 27.60 17.34 -2.04
C LEU B 78 27.40 16.15 -2.98
N HIS B 79 26.24 16.09 -3.63
CA HIS B 79 25.90 14.90 -4.43
C HIS B 79 26.94 14.64 -5.52
N HIS B 80 27.20 15.65 -6.31
CA HIS B 80 28.15 15.54 -7.37
C HIS B 80 29.49 14.94 -6.92
N ARG B 81 30.14 15.57 -5.92
CA ARG B 81 31.46 15.15 -5.47
C ARG B 81 31.49 13.70 -4.93
N GLN B 82 30.50 13.36 -4.10
CA GLN B 82 30.44 12.04 -3.48
C GLN B 82 30.03 10.94 -4.44
N ALA B 83 29.11 11.23 -5.35
CA ALA B 83 28.69 10.21 -6.30
C ALA B 83 29.90 9.92 -7.18
N ALA B 84 30.61 10.96 -7.58
CA ALA B 84 31.84 10.81 -8.39
C ALA B 84 32.90 9.98 -7.66
N GLU B 85 33.19 10.34 -6.42
CA GLU B 85 34.14 9.60 -5.65
C GLU B 85 33.69 8.12 -5.50
N ALA B 86 32.41 7.93 -5.24
CA ALA B 86 31.91 6.60 -5.01
C ALA B 86 31.93 5.70 -6.22
N LEU B 87 31.60 6.27 -7.38
CA LEU B 87 31.72 5.54 -8.65
C LEU B 87 33.17 5.21 -8.93
N ARG B 88 34.07 6.17 -8.72
CA ARG B 88 35.49 5.95 -9.00
C ARG B 88 36.06 4.84 -8.13
N ALA B 89 35.55 4.71 -6.89
CA ALA B 89 35.86 3.58 -6.02
C ALA B 89 35.16 2.27 -6.40
N GLY B 90 34.47 2.22 -7.54
CA GLY B 90 33.81 1.00 -8.03
C GLY B 90 32.47 0.63 -7.40
N LYS B 91 31.87 1.54 -6.66
CA LYS B 91 30.60 1.28 -5.99
C LYS B 91 29.42 1.78 -6.89
N HIS B 92 28.35 0.99 -6.96
CA HIS B 92 27.10 1.44 -7.56
C HIS B 92 26.47 2.50 -6.68
N VAL B 93 25.72 3.42 -7.29
CA VAL B 93 25.20 4.56 -6.56
C VAL B 93 23.74 4.90 -6.84
N LEU B 94 22.98 5.09 -5.78
CA LEU B 94 21.66 5.73 -5.86
C LEU B 94 21.75 7.06 -5.15
N VAL B 95 21.51 8.14 -5.86
CA VAL B 95 21.66 9.48 -5.27
C VAL B 95 20.28 10.08 -5.07
N GLU B 96 20.02 10.62 -3.89
CA GLU B 96 18.75 11.30 -3.69
C GLU B 96 18.67 12.54 -4.60
N LYS B 97 17.47 12.87 -5.05
CA LYS B 97 17.32 14.02 -5.93
C LYS B 97 17.56 15.26 -5.12
N PRO B 98 18.06 16.31 -5.75
CA PRO B 98 18.48 16.34 -7.14
C PRO B 98 19.78 15.61 -7.32
N LEU B 99 19.84 14.70 -8.29
CA LEU B 99 21.07 13.97 -8.59
C LEU B 99 22.24 14.92 -8.73
N GLY B 100 22.00 16.04 -9.37
CA GLY B 100 23.04 17.07 -9.53
C GLY B 100 22.37 18.42 -9.42
N VAL B 101 23.16 19.41 -9.08
CA VAL B 101 22.66 20.76 -8.88
C VAL B 101 22.65 21.52 -10.24
N THR B 102 23.21 20.91 -11.29
CA THR B 102 23.18 21.49 -12.64
C THR B 102 23.22 20.35 -13.64
N PRO B 103 22.75 20.61 -14.87
CA PRO B 103 22.86 19.60 -15.91
C PRO B 103 24.27 19.05 -16.21
N GLU B 104 25.31 19.88 -16.14
CA GLU B 104 26.67 19.34 -16.45
C GLU B 104 27.08 18.42 -15.34
N GLN B 105 26.78 18.79 -14.10
CA GLN B 105 27.02 17.87 -12.99
C GLN B 105 26.35 16.50 -13.21
N VAL B 106 25.11 16.51 -13.71
CA VAL B 106 24.41 15.27 -13.98
C VAL B 106 25.05 14.52 -15.15
N ALA B 107 25.30 15.25 -16.23
CA ALA B 107 25.91 14.64 -17.41
C ALA B 107 27.22 13.97 -17.05
N GLU B 108 28.01 14.65 -16.21
CA GLU B 108 29.31 14.14 -15.88
C GLU B 108 29.21 12.83 -15.06
N LEU B 109 28.21 12.75 -14.18
CA LEU B 109 28.01 11.54 -13.38
C LEU B 109 27.55 10.34 -14.21
N VAL B 110 26.68 10.59 -15.18
CA VAL B 110 26.20 9.52 -16.05
C VAL B 110 27.37 9.00 -16.85
N GLU B 111 28.15 9.94 -17.41
CA GLU B 111 29.33 9.58 -18.15
C GLU B 111 30.29 8.72 -17.30
N LEU B 112 30.53 9.18 -16.07
CA LEU B 112 31.42 8.50 -15.13
C LEU B 112 30.98 7.08 -14.80
N ALA B 113 29.67 6.90 -14.56
CA ALA B 113 29.14 5.57 -14.24
C ALA B 113 29.42 4.59 -15.36
N GLY B 114 29.36 5.07 -16.59
CA GLY B 114 29.61 4.22 -17.72
C GLY B 114 31.05 3.81 -17.69
N ARG B 115 31.94 4.77 -17.50
CA ARG B 115 33.35 4.49 -17.48
C ARG B 115 33.62 3.32 -16.54
N HIS B 116 33.02 3.40 -15.37
CA HIS B 116 33.24 2.38 -14.39
C HIS B 116 32.26 1.21 -14.42
N ASP B 117 31.49 1.13 -15.50
CA ASP B 117 30.54 0.05 -15.73
C ASP B 117 29.59 -0.12 -14.52
N ARG B 118 29.09 1.00 -14.00
CA ARG B 118 28.31 1.06 -12.77
C ARG B 118 26.86 1.47 -13.02
N VAL B 119 25.96 0.95 -12.20
CA VAL B 119 24.62 1.47 -12.07
C VAL B 119 24.55 2.73 -11.21
N LEU B 120 24.04 3.78 -11.83
CA LEU B 120 23.78 5.07 -11.22
C LEU B 120 22.30 5.30 -11.37
N ALA B 121 21.64 5.49 -10.24
CA ALA B 121 20.22 5.76 -10.19
C ALA B 121 19.96 7.02 -9.40
N HIS B 122 18.80 7.62 -9.62
CA HIS B 122 18.44 8.79 -8.84
C HIS B 122 17.10 8.64 -8.16
N GLY B 123 16.82 9.50 -7.19
CA GLY B 123 15.70 9.30 -6.27
C GLY B 123 14.37 9.86 -6.70
N SER B 124 13.93 9.48 -7.87
CA SER B 124 12.66 9.92 -8.40
C SER B 124 11.68 8.87 -7.95
N ASN B 125 11.36 8.89 -6.66
CA ASN B 125 10.52 7.85 -6.09
C ASN B 125 9.07 7.87 -6.58
N PHE B 126 8.49 9.04 -6.77
CA PHE B 126 7.07 9.10 -7.07
C PHE B 126 6.74 8.40 -8.42
N VAL B 127 7.69 8.43 -9.31
CA VAL B 127 7.64 7.71 -10.56
C VAL B 127 7.54 6.20 -10.38
N HIS B 128 7.89 5.71 -9.18
CA HIS B 128 7.71 4.28 -8.80
C HIS B 128 6.55 4.08 -7.81
N SER B 129 5.85 5.16 -7.47
CA SER B 129 4.70 5.07 -6.57
C SER B 129 3.58 4.29 -7.23
N PRO B 130 3.19 3.15 -6.66
CA PRO B 130 2.16 2.28 -7.24
C PRO B 130 0.89 3.02 -7.67
N LYS B 131 0.50 4.05 -6.91
CA LYS B 131 -0.68 4.81 -7.29
C LYS B 131 -0.41 5.72 -8.49
N PHE B 132 0.82 6.25 -8.60
CA PHE B 132 1.17 7.02 -9.81
C PHE B 132 1.34 6.15 -11.01
N VAL B 133 1.88 4.97 -10.81
CA VAL B 133 1.99 3.99 -11.88
C VAL B 133 0.61 3.68 -12.44
N ARG B 134 -0.33 3.43 -11.54
CA ARG B 134 -1.72 3.15 -11.93
C ARG B 134 -2.27 4.37 -12.72
N ALA B 135 -1.96 5.58 -12.24
CA ALA B 135 -2.49 6.74 -12.85
C ALA B 135 -2.03 6.81 -14.30
N ARG B 136 -0.74 6.54 -14.52
CA ARG B 136 -0.15 6.55 -15.87
C ARG B 136 -0.78 5.49 -16.76
N GLN B 137 -1.14 4.34 -16.20
CA GLN B 137 -1.84 3.35 -17.07
C GLN B 137 -3.13 3.94 -17.60
N LEU B 138 -3.85 4.61 -16.74
CA LEU B 138 -5.13 5.09 -17.11
C LEU B 138 -4.97 6.17 -18.15
N VAL B 139 -3.93 7.01 -18.03
CA VAL B 139 -3.83 8.05 -19.08
C VAL B 139 -3.41 7.46 -20.41
N ALA B 140 -2.70 6.35 -20.38
CA ALA B 140 -2.23 5.66 -21.56
C ALA B 140 -3.30 4.84 -22.22
N ASP B 141 -4.47 4.75 -21.58
CA ASP B 141 -5.64 4.06 -22.11
C ASP B 141 -6.33 4.96 -23.11
N THR B 142 -5.81 4.96 -24.32
CA THR B 142 -6.29 5.91 -25.30
C THR B 142 -7.77 5.85 -25.55
N GLU B 143 -8.39 4.67 -25.55
CA GLU B 143 -9.84 4.68 -25.84
C GLU B 143 -10.61 5.52 -24.80
N ALA B 144 -10.28 5.38 -23.52
CA ALA B 144 -11.03 6.03 -22.46
C ALA B 144 -10.63 7.49 -22.26
N PHE B 145 -9.31 7.73 -22.26
CA PHE B 145 -8.70 9.00 -21.94
C PHE B 145 -8.55 9.98 -23.09
N GLY B 146 -8.32 9.46 -24.28
CA GLY B 146 -8.01 10.27 -25.44
C GLY B 146 -6.60 10.76 -25.33
N ARG B 147 -6.34 11.84 -26.06
CA ARG B 147 -5.02 12.45 -26.10
C ARG B 147 -4.84 13.37 -24.89
N PRO B 148 -3.78 13.15 -24.12
CA PRO B 148 -3.55 14.06 -23.01
C PRO B 148 -3.19 15.43 -23.53
N HIS B 149 -3.87 16.46 -23.00
CA HIS B 149 -3.51 17.84 -23.29
C HIS B 149 -3.08 18.68 -22.09
N LEU B 150 -3.31 18.23 -20.88
CA LEU B 150 -2.85 18.98 -19.72
C LEU B 150 -2.42 18.02 -18.63
N VAL B 151 -1.31 18.33 -18.00
CA VAL B 151 -0.88 17.63 -16.82
C VAL B 151 -0.42 18.69 -15.82
N ARG B 152 -0.79 18.51 -14.55
CA ARG B 152 -0.42 19.43 -13.47
C ARG B 152 0.02 18.66 -12.28
N VAL B 153 1.16 19.02 -11.72
CA VAL B 153 1.62 18.37 -10.48
C VAL B 153 1.89 19.41 -9.44
N VAL B 154 1.34 19.19 -8.26
CA VAL B 154 1.45 20.13 -7.17
C VAL B 154 2.23 19.46 -6.04
N PHE B 155 3.21 20.18 -5.50
CA PHE B 155 4.04 19.71 -4.36
C PHE B 155 4.20 20.88 -3.38
N ARG B 156 3.57 20.79 -2.24
CA ARG B 156 3.66 21.90 -1.31
C ARG B 156 3.84 21.42 0.12
N ASN B 157 4.64 22.17 0.86
CA ASN B 157 4.81 21.89 2.28
C ASN B 157 5.17 23.18 3.01
N SER B 158 5.59 23.09 4.26
CA SER B 158 5.87 24.30 5.03
C SER B 158 7.37 24.53 5.09
N GLY B 159 8.10 23.86 4.20
CA GLY B 159 9.49 24.18 3.89
C GLY B 159 10.47 23.24 4.54
N PRO B 160 11.71 23.15 4.00
CA PRO B 160 12.73 22.30 4.60
C PRO B 160 13.16 22.90 5.91
N GLU B 161 13.50 22.06 6.88
CA GLU B 161 13.88 22.50 8.21
C GLU B 161 15.39 22.51 8.44
N ALA B 162 16.14 21.66 7.73
CA ALA B 162 17.61 21.71 7.77
C ALA B 162 18.18 23.03 7.22
N ALA B 163 19.11 23.61 7.97
CA ALA B 163 19.75 24.88 7.61
C ALA B 163 20.35 24.87 6.19
N TRP B 164 20.86 23.72 5.78
CA TRP B 164 21.63 23.67 4.56
C TRP B 164 20.73 24.00 3.39
N ALA B 165 19.45 23.66 3.52
CA ALA B 165 18.48 23.93 2.48
C ALA B 165 18.26 25.43 2.27
N ALA B 166 18.71 26.26 3.21
CA ALA B 166 18.68 27.71 3.02
C ALA B 166 19.87 28.31 2.23
N SER B 167 20.89 27.51 1.88
CA SER B 167 22.13 28.06 1.26
C SER B 167 22.28 27.70 -0.18
N LYS B 168 22.52 28.69 -1.02
CA LYS B 168 22.77 28.41 -2.41
C LYS B 168 23.89 27.40 -2.59
N ASP B 169 24.95 27.53 -1.79
CA ASP B 169 26.09 26.66 -1.95
C ASP B 169 25.78 25.23 -1.58
N LEU B 170 25.06 25.04 -0.49
CA LEU B 170 24.71 23.70 -0.01
C LEU B 170 23.50 23.08 -0.73
N ALA B 171 22.51 23.88 -1.06
CA ALA B 171 21.25 23.34 -1.63
C ALA B 171 21.25 23.38 -3.13
N GLY B 172 22.03 24.28 -3.69
CA GLY B 172 22.10 24.41 -5.13
C GLY B 172 20.95 25.20 -5.72
N GLY B 173 19.94 25.50 -4.91
CA GLY B 173 18.69 26.02 -5.42
C GLY B 173 17.62 26.00 -4.32
N GLY B 174 16.54 26.73 -4.58
CA GLY B 174 15.40 26.79 -3.68
C GLY B 174 14.32 25.77 -4.02
N ALA B 175 13.09 26.12 -3.65
CA ALA B 175 11.92 25.26 -3.85
C ALA B 175 11.77 24.70 -5.29
N LEU B 176 12.20 25.46 -6.30
CA LEU B 176 12.10 24.98 -7.65
C LEU B 176 12.94 23.75 -7.87
N LEU B 177 14.05 23.62 -7.17
CA LEU B 177 14.97 22.52 -7.38
C LEU B 177 14.65 21.41 -6.45
N ASP B 178 14.33 21.77 -5.23
CA ASP B 178 13.95 20.78 -4.23
C ASP B 178 12.68 20.01 -4.62
N LEU B 179 11.66 20.72 -5.08
CA LEU B 179 10.31 20.16 -5.31
C LEU B 179 9.97 20.06 -6.79
N GLY B 180 10.32 21.11 -7.51
CA GLY B 180 10.16 21.13 -8.94
C GLY B 180 10.75 19.94 -9.62
N CYS B 181 11.97 19.56 -9.23
CA CYS B 181 12.63 18.43 -9.85
C CYS B 181 11.63 17.27 -9.88
N HIS B 182 10.94 17.01 -8.78
CA HIS B 182 9.98 15.91 -8.77
C HIS B 182 8.75 16.13 -9.63
N ALA B 183 8.24 17.32 -9.55
CA ALA B 183 7.05 17.67 -10.27
C ALA B 183 7.32 17.56 -11.74
N VAL B 184 8.46 18.08 -12.18
CA VAL B 184 8.84 18.01 -13.59
C VAL B 184 9.00 16.56 -14.05
N GLU B 185 9.68 15.80 -13.20
CA GLU B 185 10.00 14.45 -13.56
C GLU B 185 8.67 13.70 -13.77
N LEU B 186 7.70 13.96 -12.87
CA LEU B 186 6.38 13.35 -12.92
C LEU B 186 5.55 13.77 -14.12
N CYS B 187 5.57 15.06 -14.45
CA CYS B 187 4.87 15.54 -15.63
C CYS B 187 5.31 14.78 -16.88
N ARG B 188 6.62 14.67 -17.07
CA ARG B 188 7.16 13.99 -18.25
C ARG B 188 6.82 12.51 -18.25
N TRP B 189 6.89 11.91 -17.08
CA TRP B 189 6.74 10.49 -16.97
C TRP B 189 5.28 10.09 -17.18
N LEU B 190 4.39 10.90 -16.63
CA LEU B 190 2.97 10.71 -16.77
C LEU B 190 2.53 10.74 -18.25
N LEU B 191 3.27 11.45 -19.07
CA LEU B 191 3.01 11.54 -20.49
C LEU B 191 4.07 10.76 -21.24
N ASP B 192 4.52 9.66 -20.64
CA ASP B 192 5.27 8.65 -21.38
C ASP B 192 6.57 9.17 -21.93
N GLY B 193 7.20 10.09 -21.20
CA GLY B 193 8.52 10.62 -21.58
C GLY B 193 8.50 11.72 -22.62
N ALA B 194 7.39 12.45 -22.64
CA ALA B 194 7.18 13.59 -23.52
C ALA B 194 8.38 14.54 -23.62
N ASP B 195 8.61 14.98 -24.84
CA ASP B 195 9.68 15.90 -25.16
C ASP B 195 9.25 17.31 -24.90
N VAL B 196 10.11 18.02 -24.17
CA VAL B 196 9.87 19.42 -23.82
C VAL B 196 10.40 20.30 -24.91
N GLU B 197 9.52 21.16 -25.42
CA GLU B 197 9.82 22.13 -26.47
C GLU B 197 10.05 23.56 -25.90
N SER B 198 9.39 23.89 -24.79
CA SER B 198 9.62 25.19 -24.15
C SER B 198 9.37 25.14 -22.66
N VAL B 199 9.85 26.16 -21.98
CA VAL B 199 9.74 26.26 -20.55
C VAL B 199 9.54 27.71 -20.12
N SER B 200 8.70 27.91 -19.12
CA SER B 200 8.37 29.23 -18.59
C SER B 200 8.27 29.12 -17.11
N ALA B 201 8.74 30.11 -16.38
CA ALA B 201 8.66 30.02 -14.96
C ALA B 201 8.64 31.39 -14.31
N ARG B 202 7.91 31.53 -13.22
CA ARG B 202 8.11 32.62 -12.26
C ARG B 202 8.39 32.08 -10.87
N LEU B 203 9.29 32.75 -10.16
CA LEU B 203 9.63 32.43 -8.77
C LEU B 203 9.22 33.56 -7.82
N GLN B 204 8.96 33.17 -6.57
CA GLN B 204 8.62 34.06 -5.48
C GLN B 204 9.52 33.84 -4.26
N ARG B 205 9.77 34.92 -3.50
CA ARG B 205 10.28 34.83 -2.14
C ARG B 205 9.17 35.32 -1.30
N VAL B 206 8.43 34.40 -0.71
CA VAL B 206 7.37 34.77 0.21
C VAL B 206 7.92 35.09 1.58
N ARG B 207 8.68 34.18 2.19
CA ARG B 207 9.29 34.44 3.53
C ARG B 207 10.38 35.53 3.47
N PRO B 208 10.51 36.31 4.56
CA PRO B 208 11.59 37.32 4.58
C PRO B 208 13.00 36.72 4.49
N PRO B 209 13.98 37.48 3.90
CA PRO B 209 15.40 37.12 3.63
C PRO B 209 16.04 36.10 4.56
N ALA B 227 18.70 35.43 -1.79
CA ALA B 227 17.74 34.51 -1.09
C ALA B 227 17.04 33.53 -2.04
N LEU B 228 16.85 32.30 -1.57
CA LEU B 228 16.33 31.23 -2.41
C LEU B 228 14.82 31.32 -2.56
N GLU B 229 14.32 30.93 -3.73
CA GLU B 229 12.89 31.00 -4.00
C GLU B 229 12.18 29.98 -3.11
N ASP B 230 11.08 30.40 -2.46
CA ASP B 230 10.18 29.54 -1.68
C ASP B 230 8.99 28.99 -2.47
N GLN B 231 8.71 29.59 -3.61
CA GLN B 231 7.50 29.21 -4.32
C GLN B 231 7.71 29.47 -5.79
N ALA B 232 7.23 28.56 -6.61
CA ALA B 232 7.50 28.65 -8.01
C ALA B 232 6.38 28.01 -8.81
N LEU B 233 6.22 28.53 -10.01
CA LEU B 233 5.39 27.94 -11.00
C LEU B 233 6.23 27.72 -12.26
N LEU B 234 6.25 26.50 -12.78
CA LEU B 234 6.98 26.22 -13.99
C LEU B 234 6.05 25.57 -14.96
N VAL B 235 6.12 25.95 -16.23
CA VAL B 235 5.19 25.49 -17.20
C VAL B 235 5.94 24.99 -18.40
N MET B 236 5.63 23.77 -18.82
CA MET B 236 6.24 23.16 -19.98
C MET B 236 5.26 23.02 -21.14
N GLU B 237 5.73 23.32 -22.33
CA GLU B 237 5.03 23.00 -23.55
C GLU B 237 5.72 21.78 -24.16
N PHE B 238 4.94 20.75 -24.46
CA PHE B 238 5.44 19.50 -24.96
C PHE B 238 5.15 19.37 -26.45
N ALA B 239 5.84 18.43 -27.07
CA ALA B 239 5.82 18.27 -28.51
C ALA B 239 4.44 18.02 -29.01
N ASP B 240 3.76 17.05 -28.40
CA ASP B 240 2.40 16.63 -28.82
C ASP B 240 1.32 17.70 -28.68
N GLY B 241 1.66 18.92 -28.24
CA GLY B 241 0.68 19.96 -27.94
C GLY B 241 0.28 20.16 -26.47
N ALA B 242 0.58 19.20 -25.60
CA ALA B 242 0.16 19.28 -24.21
C ALA B 242 0.92 20.31 -23.41
N VAL B 243 0.33 20.74 -22.31
CA VAL B 243 0.98 21.66 -21.43
C VAL B 243 1.08 21.13 -20.02
N GLY B 244 2.27 21.23 -19.43
CA GLY B 244 2.48 20.77 -18.07
C GLY B 244 2.76 21.91 -17.12
N GLN B 245 2.11 21.89 -15.96
CA GLN B 245 2.30 22.83 -14.90
C GLN B 245 2.98 22.18 -13.67
N CYS B 246 3.97 22.86 -13.10
CA CYS B 246 4.57 22.44 -11.81
C CYS B 246 4.43 23.57 -10.82
N ASP B 247 3.68 23.33 -9.74
CA ASP B 247 3.34 24.36 -8.77
C ASP B 247 3.91 23.83 -7.47
N VAL B 248 4.91 24.52 -6.93
CA VAL B 248 5.58 24.04 -5.72
C VAL B 248 5.82 25.15 -4.72
N SER B 249 5.87 24.77 -3.47
CA SER B 249 5.86 25.73 -2.41
C SER B 249 6.53 25.19 -1.16
N TRP B 250 7.31 26.06 -0.52
CA TRP B 250 7.88 25.80 0.78
C TRP B 250 7.05 26.49 1.87
N VAL B 251 5.95 27.08 1.46
CA VAL B 251 5.39 28.13 2.26
C VAL B 251 3.88 27.93 2.42
N THR B 252 3.49 26.65 2.46
CA THR B 252 2.10 26.24 2.54
C THR B 252 1.86 25.46 3.83
N GLN B 253 1.00 26.00 4.69
CA GLN B 253 0.69 25.33 5.94
C GLN B 253 -0.36 24.27 5.82
N GLY B 254 -0.58 23.56 6.92
CA GLY B 254 -1.70 22.63 7.04
C GLY B 254 -1.40 21.24 6.50
N GLY B 255 -0.16 20.96 6.11
CA GLY B 255 0.21 19.57 5.75
C GLY B 255 0.73 19.38 4.34
N GLU B 256 1.71 18.50 4.16
CA GLU B 256 2.32 18.31 2.86
C GLU B 256 1.21 17.93 1.81
N GLN B 257 1.28 18.54 0.63
CA GLN B 257 0.40 18.20 -0.45
C GLN B 257 1.23 17.66 -1.61
N VAL B 258 0.82 16.52 -2.14
CA VAL B 258 1.35 15.96 -3.39
C VAL B 258 0.14 15.49 -4.23
N THR B 259 -0.19 16.19 -5.30
CA THR B 259 -1.34 15.82 -6.08
C THR B 259 -0.95 15.92 -7.52
N ALA B 260 -1.80 15.37 -8.38
CA ALA B 260 -1.58 15.46 -9.82
C ALA B 260 -2.90 15.32 -10.52
N GLU B 261 -3.02 15.95 -11.69
CA GLU B 261 -4.20 15.77 -12.48
C GLU B 261 -3.74 15.71 -13.92
N ILE B 262 -4.36 14.84 -14.70
CA ILE B 262 -4.07 14.76 -16.12
C ILE B 262 -5.41 14.87 -16.83
N ILE B 263 -5.48 15.66 -17.90
CA ILE B 263 -6.75 15.87 -18.61
C ILE B 263 -6.55 15.61 -20.08
N GLY B 264 -7.41 14.79 -20.64
CA GLY B 264 -7.36 14.43 -22.04
C GLY B 264 -8.53 14.91 -22.86
N THR B 265 -8.56 14.52 -24.12
CA THR B 265 -9.69 14.92 -24.93
C THR B 265 -10.98 14.20 -24.53
N LYS B 266 -10.86 13.05 -23.88
CA LYS B 266 -12.03 12.24 -23.45
C LYS B 266 -12.14 12.02 -21.94
N GLY B 267 -11.00 11.89 -21.24
CA GLY B 267 -10.99 11.67 -19.80
C GLY B 267 -10.26 12.68 -18.90
N ARG B 268 -10.26 12.36 -17.61
CA ARG B 268 -9.46 13.00 -16.58
C ARG B 268 -9.00 11.95 -15.60
N VAL B 269 -7.81 12.14 -15.02
CA VAL B 269 -7.48 11.41 -13.80
C VAL B 269 -6.81 12.32 -12.81
N GLU B 270 -7.13 12.06 -11.54
CA GLU B 270 -6.69 12.86 -10.40
C GLU B 270 -6.03 11.95 -9.37
N VAL B 271 -4.91 12.37 -8.84
CA VAL B 271 -4.13 11.59 -7.92
C VAL B 271 -3.80 12.43 -6.70
N ASP B 272 -3.95 11.83 -5.54
CA ASP B 272 -3.77 12.53 -4.31
C ASP B 272 -3.01 11.59 -3.37
N LEU B 273 -1.78 11.96 -3.04
CA LEU B 273 -0.97 11.14 -2.19
C LEU B 273 -1.35 11.30 -0.71
N TRP B 274 -1.21 12.47 -0.13
CA TRP B 274 -1.33 12.60 1.34
C TRP B 274 -2.72 12.73 1.90
N THR B 275 -3.71 13.07 1.10
CA THR B 275 -5.10 13.05 1.57
C THR B 275 -5.88 12.10 0.75
N GLY B 276 -5.21 11.16 0.10
CA GLY B 276 -5.86 10.05 -0.55
C GLY B 276 -5.49 8.73 0.09
N MET B 277 -5.38 8.73 1.41
CA MET B 277 -5.11 7.52 2.18
C MET B 277 -6.37 6.79 2.65
N GLY B 278 -7.56 7.38 2.53
CA GLY B 278 -8.74 6.81 3.19
C GLY B 278 -8.75 6.73 4.74
N LEU B 279 -8.10 7.67 5.43
CA LEU B 279 -8.19 7.77 6.87
C LEU B 279 -8.40 9.19 7.31
N ARG B 280 -9.44 9.44 8.08
CA ARG B 280 -9.57 10.75 8.73
C ARG B 280 -9.63 10.47 10.20
N ALA B 281 -9.18 11.44 10.98
CA ALA B 281 -9.26 11.34 12.44
C ALA B 281 -9.32 12.74 13.07
N TYR B 282 -9.98 12.82 14.21
CA TYR B 282 -10.11 14.06 14.92
C TYR B 282 -9.74 13.91 16.37
N SER B 283 -8.98 14.86 16.91
CA SER B 283 -8.84 15.00 18.35
C SER B 283 -8.54 16.46 18.71
N ASP B 284 -8.66 16.83 20.00
CA ASP B 284 -8.16 18.12 20.50
C ASP B 284 -6.65 18.04 20.66
N LYS B 285 -6.21 17.09 21.49
CA LYS B 285 -4.78 16.92 21.82
C LYS B 285 -3.85 16.87 20.61
N GLY B 286 -4.08 15.88 19.73
CA GLY B 286 -3.07 15.35 18.82
C GLY B 286 -2.86 13.87 19.15
N TYR B 287 -2.63 13.07 18.10
CA TYR B 287 -2.52 11.59 18.15
C TYR B 287 -1.06 11.19 18.12
N GLN B 288 -0.64 10.25 18.94
CA GLN B 288 0.79 9.99 19.13
C GLN B 288 1.67 10.04 17.89
N ASP B 289 1.29 9.33 16.85
CA ASP B 289 2.23 9.21 15.72
C ASP B 289 1.80 9.92 14.46
N VAL B 290 1.23 11.12 14.61
CA VAL B 290 0.65 11.83 13.46
C VAL B 290 1.29 13.20 13.32
N TRP B 291 2.44 13.20 12.65
CA TRP B 291 3.26 14.36 12.36
C TRP B 291 2.51 15.66 12.51
N ASP B 292 1.83 16.07 11.44
CA ASP B 292 1.33 17.46 11.35
C ASP B 292 0.35 17.73 10.18
N PRO B 293 -0.65 18.60 10.42
CA PRO B 293 -0.95 19.21 11.72
C PRO B 293 -1.17 18.14 12.80
N GLU B 294 -1.03 18.51 14.07
CA GLU B 294 -1.15 17.54 15.14
C GLU B 294 -2.61 17.49 15.54
N GLN B 295 -3.21 18.68 15.65
CA GLN B 295 -4.50 18.84 16.33
C GLN B 295 -5.66 19.14 15.39
N GLY B 296 -6.85 18.80 15.86
CA GLY B 296 -8.08 18.89 15.07
C GLY B 296 -8.24 17.80 14.02
N TRP B 297 -8.87 18.11 12.89
CA TRP B 297 -8.95 17.08 11.82
C TRP B 297 -7.63 16.87 11.11
N VAL B 298 -7.21 15.61 11.04
CA VAL B 298 -5.98 15.24 10.38
C VAL B 298 -6.25 14.05 9.47
N HIS B 299 -5.25 13.70 8.68
CA HIS B 299 -5.37 12.63 7.66
C HIS B 299 -4.23 11.72 7.91
N PRO B 300 -4.38 10.86 8.90
CA PRO B 300 -3.29 9.98 9.09
C PRO B 300 -2.94 9.13 7.88
N GLU B 301 -1.73 8.66 7.99
CA GLU B 301 -0.93 8.13 6.94
C GLU B 301 -0.80 6.64 7.19
N TRP B 302 -0.73 5.83 6.14
CA TRP B 302 -0.44 4.41 6.28
C TRP B 302 0.44 3.95 5.14
N GLU B 303 1.50 3.28 5.53
CA GLU B 303 2.56 2.88 4.62
C GLU B 303 3.08 4.04 3.72
N TRP B 304 3.26 5.21 4.32
CA TRP B 304 3.70 6.33 3.54
C TRP B 304 4.87 6.02 2.67
N ILE B 305 5.84 5.33 3.21
CA ILE B 305 7.02 5.03 2.44
C ILE B 305 6.63 4.21 1.19
N ARG B 306 5.83 3.17 1.34
CA ARG B 306 5.48 2.39 0.16
C ARG B 306 4.74 3.26 -0.87
N ALA B 307 3.76 3.98 -0.33
CA ALA B 307 2.84 4.75 -1.12
C ALA B 307 3.61 5.76 -1.96
N SER B 308 4.76 6.18 -1.45
CA SER B 308 5.55 7.21 -2.09
C SER B 308 6.56 6.69 -3.15
N GLY B 309 6.71 5.37 -3.25
CA GLY B 309 7.55 4.78 -4.29
C GLY B 309 8.90 4.24 -3.81
N TYR B 310 9.29 4.51 -2.58
CA TYR B 310 10.63 4.15 -2.13
C TYR B 310 10.92 2.65 -2.15
N TYR B 311 10.04 1.80 -1.64
CA TYR B 311 10.28 0.36 -1.68
C TYR B 311 10.49 -0.03 -3.13
N HIS B 312 9.63 0.43 -4.02
CA HIS B 312 9.75 0.02 -5.42
C HIS B 312 10.99 0.55 -6.11
N GLN B 313 11.30 1.82 -5.85
CA GLN B 313 12.50 2.44 -6.41
C GLN B 313 13.71 1.64 -5.99
N ASP B 314 13.90 1.50 -4.70
CA ASP B 314 15.08 0.85 -4.18
C ASP B 314 15.15 -0.60 -4.65
N GLY B 315 14.03 -1.29 -4.64
CA GLY B 315 13.97 -2.62 -5.21
C GLY B 315 14.45 -2.69 -6.64
N THR B 316 14.06 -1.72 -7.46
CA THR B 316 14.55 -1.67 -8.83
C THR B 316 16.08 -1.55 -8.89
N VAL B 317 16.63 -0.74 -8.00
CA VAL B 317 18.05 -0.48 -8.01
C VAL B 317 18.73 -1.75 -7.55
N ILE B 318 18.21 -2.32 -6.46
CA ILE B 318 18.77 -3.56 -5.93
C ILE B 318 18.72 -4.64 -7.03
N GLU B 319 17.62 -4.73 -7.78
CA GLU B 319 17.51 -5.79 -8.78
C GLU B 319 18.44 -5.48 -9.91
N ALA B 320 18.70 -4.21 -10.12
CA ALA B 320 19.58 -3.79 -11.19
C ALA B 320 21.03 -4.17 -10.88
N VAL B 321 21.45 -3.88 -9.64
CA VAL B 321 22.78 -4.22 -9.19
C VAL B 321 22.93 -5.73 -9.01
N GLY B 322 21.97 -6.34 -8.36
CA GLY B 322 21.99 -7.74 -8.09
C GLY B 322 21.96 -8.63 -9.32
N GLN B 323 21.03 -8.41 -10.25
CA GLN B 323 21.00 -9.22 -11.50
C GLN B 323 20.89 -8.43 -12.78
N GLY B 324 21.78 -7.47 -12.94
CA GLY B 324 21.88 -6.68 -14.16
C GLY B 324 20.60 -6.52 -14.96
N ILE B 325 19.50 -6.26 -14.26
CA ILE B 325 18.25 -5.84 -14.89
C ILE B 325 18.36 -4.33 -15.21
N PRO B 326 18.01 -3.94 -16.43
CA PRO B 326 18.10 -2.49 -16.69
C PRO B 326 17.10 -1.69 -15.80
N LEU B 327 17.46 -0.46 -15.44
CA LEU B 327 16.54 0.41 -14.70
C LEU B 327 15.35 0.81 -15.54
N THR B 328 14.17 0.80 -14.96
CA THR B 328 12.97 1.20 -15.73
C THR B 328 13.03 2.71 -15.99
N HIS B 329 13.57 3.46 -15.03
CA HIS B 329 13.67 4.94 -15.03
C HIS B 329 15.16 5.38 -14.70
N GLY B 330 15.94 5.72 -15.72
CA GLY B 330 17.38 5.96 -15.52
C GLY B 330 17.78 7.42 -15.34
N PRO B 331 19.08 7.64 -15.14
CA PRO B 331 19.61 8.98 -14.89
C PRO B 331 19.66 9.86 -16.13
N ALA B 332 19.40 9.31 -17.31
CA ALA B 332 19.05 10.19 -18.43
C ALA B 332 17.83 11.07 -18.05
N GLU B 333 16.81 10.48 -17.43
CA GLU B 333 15.64 11.25 -17.04
C GLU B 333 15.99 12.38 -16.05
N ALA B 334 17.11 12.25 -15.35
CA ALA B 334 17.54 13.32 -14.44
C ALA B 334 18.21 14.45 -15.22
N LEU B 335 18.92 14.10 -16.27
CA LEU B 335 19.49 15.08 -17.15
C LEU B 335 18.38 15.94 -17.75
N ALA B 336 17.30 15.31 -18.22
CA ALA B 336 16.22 16.10 -18.84
C ALA B 336 15.61 17.06 -17.81
N SER B 337 15.35 16.57 -16.60
CA SER B 337 14.70 17.43 -15.63
C SER B 337 15.65 18.55 -15.19
N ALA B 338 16.95 18.27 -15.15
CA ALA B 338 17.94 19.31 -14.88
C ALA B 338 17.91 20.39 -15.97
N ARG B 339 17.85 19.98 -17.21
CA ARG B 339 17.80 20.95 -18.30
C ARG B 339 16.53 21.80 -18.16
N VAL B 340 15.41 21.16 -17.81
CA VAL B 340 14.17 21.90 -17.62
C VAL B 340 14.27 22.96 -16.55
N LEU B 341 14.82 22.59 -15.40
CA LEU B 341 14.98 23.53 -14.27
C LEU B 341 15.97 24.67 -14.57
N ALA B 342 17.15 24.33 -15.07
CA ALA B 342 18.08 25.31 -15.55
C ALA B 342 17.38 26.32 -16.49
N THR B 343 16.64 25.81 -17.45
CA THR B 343 15.90 26.65 -18.35
C THR B 343 14.80 27.41 -17.59
N GLY B 344 14.16 26.78 -16.61
CA GLY B 344 13.18 27.48 -15.79
C GLY B 344 13.76 28.68 -15.04
N TYR B 345 14.92 28.49 -14.43
CA TYR B 345 15.61 29.55 -13.72
C TYR B 345 15.95 30.74 -14.63
N ARG B 346 16.39 30.39 -15.84
CA ARG B 346 16.78 31.40 -16.81
C ARG B 346 15.54 32.15 -17.31
N SER B 347 14.45 31.41 -17.51
CA SER B 347 13.18 32.00 -17.95
C SER B 347 12.66 33.02 -16.98
N HIS B 348 12.77 32.71 -15.70
CA HIS B 348 12.32 33.64 -14.69
C HIS B 348 13.15 34.89 -14.82
N ALA B 349 14.47 34.74 -14.84
CA ALA B 349 15.39 35.89 -14.93
C ALA B 349 15.06 36.79 -16.12
N GLU B 350 14.92 36.18 -17.31
CA GLU B 350 14.71 36.94 -18.51
C GLU B 350 13.26 37.35 -18.73
N GLY B 351 12.31 36.81 -17.99
CA GLY B 351 10.86 37.14 -18.20
C GLY B 351 10.24 36.60 -19.49
N ARG B 352 10.73 35.47 -19.96
CA ARG B 352 10.37 34.96 -21.26
C ARG B 352 10.27 33.47 -21.25
N VAL B 353 9.47 33.00 -22.18
CA VAL B 353 9.45 31.60 -22.52
C VAL B 353 10.69 31.20 -23.37
N LEU B 354 11.40 30.16 -22.92
CA LEU B 354 12.61 29.68 -23.55
C LEU B 354 12.58 28.23 -24.07
N ARG B 355 13.35 27.96 -25.10
CA ARG B 355 13.64 26.63 -25.53
C ARG B 355 14.73 26.09 -24.62
N LEU B 356 14.86 24.77 -24.58
CA LEU B 356 15.87 24.09 -23.72
C LEU B 356 17.30 24.53 -23.95
N SER B 357 17.56 25.06 -25.13
CA SER B 357 18.85 25.61 -25.46
C SER B 357 19.13 26.98 -24.82
N GLY B 358 18.14 27.60 -24.17
CA GLY B 358 18.29 28.94 -23.57
C GLY B 358 17.74 30.03 -24.48
N ALA B 359 17.37 29.63 -25.69
CA ALA B 359 17.01 30.57 -26.73
C ALA B 359 15.59 30.97 -26.51
N PRO B 360 15.27 32.24 -26.79
CA PRO B 360 13.88 32.66 -26.62
C PRO B 360 13.02 32.16 -27.73
N VAL B 361 12.03 31.39 -27.39
CA VAL B 361 10.89 31.21 -28.27
C VAL B 361 10.52 32.65 -28.67
#